data_5XT3
#
_entry.id   5XT3
#
_cell.length_a   54.374
_cell.length_b   117.042
_cell.length_c   130.152
_cell.angle_alpha   90.00
_cell.angle_beta   90.00
_cell.angle_gamma   90.00
#
_symmetry.space_group_name_H-M   'P 21 21 21'
#
loop_
_entity.id
_entity.type
_entity.pdbx_description
1 polymer 'Phosphodiesterase acting on cyclic dinucleotides'
2 non-polymer 'MANGANESE (II) ION'
3 non-polymer "9,9'-[(2R,3R,3aS,5S,7aR,9R,10R,10aS,12S,14aR)-3,5,10,12-tetrahydroxy-5,12-dioxidooctahydro-2H,7H-difuro[3,2-d:3',2'-j][1,3,7,9,2,8]tetraoxadiphosphacyclododecine-2,9-diyl]bis(2-amino-1,9-dihydro-6H-purin-6-one)"
4 water water
#
_entity_poly.entity_id   1
_entity_poly.type   'polypeptide(L)'
_entity_poly.pdbx_seq_one_letter_code
;GSMRTRVRARVISHALKDILAEGDKVIIMGHKRPDLDAIGAAIGVSRFAMMNNLEAYIVLNETDIDPTLRRVMNEIDKKP
ELRERFITSDDAWDMMTSKTTVVIVDTHKPELVLDENVLNKANRKVVIDHHRRGESFISNPLLIYMEPYASSTAELVTEL
LEYQPTEQRLTRLESTVMYAGIIVDTRNFTLRTGSRTFDAASYLRAHGADTILTQHFLKDDVDTYINRSELIRTVKVEDN
GIAIAHGSDDKIYHPVTVAQAADELLSLEGIEASYVVARREDNLIGISARSLGSVNVQLTMEALGGGGHLTNAATQLKGV
TVEEAIAQLQQAITEQLSR
;
_entity_poly.pdbx_strand_id   A,B
#
# COMPACT_ATOMS: atom_id res chain seq x y z
N VAL A 7 13.90 -4.18 22.75
CA VAL A 7 14.49 -3.58 23.95
C VAL A 7 13.42 -3.01 24.87
N ARG A 8 13.13 -1.71 24.75
CA ARG A 8 12.04 -1.11 25.50
C ARG A 8 10.85 -2.03 25.40
N ALA A 9 10.47 -2.34 24.16
CA ALA A 9 9.31 -3.17 23.89
C ALA A 9 9.38 -4.53 24.59
N ARG A 10 10.58 -4.95 24.96
CA ARG A 10 10.75 -6.26 25.60
C ARG A 10 10.27 -6.23 27.05
N VAL A 11 10.89 -5.37 27.84
CA VAL A 11 10.59 -5.25 29.26
C VAL A 11 9.21 -4.65 29.50
N ILE A 12 8.94 -3.53 28.84
CA ILE A 12 7.68 -2.81 29.03
C ILE A 12 6.45 -3.69 28.84
N SER A 13 6.55 -4.69 27.96
CA SER A 13 5.46 -5.63 27.81
C SER A 13 5.17 -6.33 29.13
N HIS A 14 6.14 -7.08 29.62
CA HIS A 14 5.97 -7.82 30.87
C HIS A 14 5.79 -6.87 32.05
N ALA A 15 6.41 -5.70 31.99
CA ALA A 15 6.33 -4.74 33.08
C ALA A 15 4.91 -4.22 33.23
N LEU A 16 4.16 -4.26 32.15
CA LEU A 16 2.82 -3.66 32.16
C LEU A 16 1.71 -4.69 32.28
N LYS A 17 2.07 -5.97 32.15
CA LYS A 17 1.12 -7.02 32.50
C LYS A 17 1.14 -7.16 34.02
N ASP A 18 2.13 -6.53 34.63
CA ASP A 18 2.20 -6.45 36.08
C ASP A 18 1.45 -5.22 36.57
N ILE A 19 1.76 -4.06 35.99
CA ILE A 19 1.01 -2.84 36.25
C ILE A 19 -0.47 -3.07 35.97
N LEU A 20 -0.79 -4.00 35.07
CA LEU A 20 -2.18 -4.33 34.78
C LEU A 20 -2.69 -5.47 35.66
N ALA A 21 -1.79 -6.34 36.09
CA ALA A 21 -2.17 -7.45 36.97
C ALA A 21 -2.59 -6.94 38.35
N GLU A 22 -2.21 -5.70 38.66
CA GLU A 22 -2.54 -5.09 39.94
C GLU A 22 -3.75 -4.15 39.84
N GLY A 23 -4.88 -4.67 39.38
CA GLY A 23 -6.08 -3.87 39.27
C GLY A 23 -7.28 -4.78 39.05
N ASP A 24 -8.44 -4.39 39.55
CA ASP A 24 -9.64 -5.20 39.36
C ASP A 24 -9.97 -5.41 37.88
N LYS A 25 -9.95 -4.31 37.12
CA LYS A 25 -10.23 -4.32 35.69
C LYS A 25 -9.17 -3.50 34.97
N VAL A 26 -9.31 -3.43 33.66
CA VAL A 26 -8.57 -2.48 32.86
C VAL A 26 -9.57 -1.80 31.93
N ILE A 27 -9.46 -0.48 31.82
CA ILE A 27 -10.33 0.27 30.93
C ILE A 27 -9.50 1.09 29.93
N ILE A 28 -9.91 1.07 28.67
CA ILE A 28 -9.09 1.67 27.62
C ILE A 28 -9.78 2.82 26.93
N MET A 29 -9.06 3.92 26.77
CA MET A 29 -9.59 5.08 26.08
C MET A 29 -8.61 5.63 25.07
N GLY A 30 -9.14 6.01 23.91
CA GLY A 30 -8.32 6.67 22.90
C GLY A 30 -8.44 8.17 22.99
N HIS A 31 -8.59 8.81 21.83
CA HIS A 31 -8.84 10.24 21.78
C HIS A 31 -10.24 10.51 21.23
N LYS A 32 -10.69 11.74 21.29
CA LYS A 32 -12.02 12.06 20.78
C LYS A 32 -12.04 11.93 19.25
N ARG A 33 -13.21 11.64 18.69
CA ARG A 33 -13.32 11.30 17.28
C ARG A 33 -12.30 10.21 16.96
N PRO A 34 -12.46 9.03 17.58
CA PRO A 34 -11.51 7.93 17.39
C PRO A 34 -11.34 7.53 15.92
N ASP A 35 -10.09 7.36 15.50
CA ASP A 35 -9.79 6.78 14.21
C ASP A 35 -9.31 5.35 14.38
N LEU A 36 -8.96 4.70 13.28
CA LEU A 36 -8.62 3.27 13.33
C LEU A 36 -7.33 2.96 14.08
N ASP A 37 -6.37 3.87 14.11
CA ASP A 37 -5.22 3.66 14.99
C ASP A 37 -5.70 3.59 16.46
N ALA A 38 -6.41 4.62 16.91
CA ALA A 38 -6.98 4.59 18.25
C ALA A 38 -7.75 3.30 18.53
N ILE A 39 -8.70 2.95 17.66
CA ILE A 39 -9.56 1.80 17.92
C ILE A 39 -8.79 0.48 17.88
N GLY A 40 -7.91 0.35 16.89
CA GLY A 40 -7.06 -0.81 16.77
C GLY A 40 -6.09 -0.96 17.93
N ALA A 41 -5.44 0.13 18.32
CA ALA A 41 -4.55 0.11 19.46
C ALA A 41 -5.28 -0.35 20.74
N ALA A 42 -6.48 0.20 20.95
CA ALA A 42 -7.29 -0.13 22.11
C ALA A 42 -7.68 -1.60 22.10
N ILE A 43 -8.09 -2.08 20.93
CA ILE A 43 -8.46 -3.48 20.76
C ILE A 43 -7.27 -4.38 21.07
N GLY A 44 -6.09 -3.97 20.61
CA GLY A 44 -4.88 -4.70 20.90
C GLY A 44 -4.78 -4.85 22.40
N VAL A 45 -4.62 -3.71 23.08
CA VAL A 45 -4.49 -3.69 24.54
C VAL A 45 -5.59 -4.48 25.21
N SER A 46 -6.80 -4.32 24.70
CA SER A 46 -7.91 -5.16 25.12
C SER A 46 -7.42 -6.61 25.12
N ARG A 47 -6.92 -7.07 23.97
CA ARG A 47 -6.42 -8.43 23.84
C ARG A 47 -5.23 -8.70 24.76
N PHE A 48 -4.30 -7.76 24.83
CA PHE A 48 -3.14 -7.92 25.69
C PHE A 48 -3.56 -8.21 27.14
N ALA A 49 -4.59 -7.53 27.61
CA ALA A 49 -5.09 -7.79 28.95
C ALA A 49 -5.73 -9.17 29.04
N MET A 50 -6.64 -9.47 28.11
CA MET A 50 -7.33 -10.75 28.14
C MET A 50 -6.35 -11.91 28.22
N MET A 51 -5.18 -11.74 27.59
CA MET A 51 -4.14 -12.77 27.56
C MET A 51 -3.70 -13.15 28.97
N ASN A 52 -3.78 -12.17 29.87
CA ASN A 52 -3.49 -12.40 31.28
C ASN A 52 -4.78 -12.53 32.09
N ASN A 53 -5.83 -13.00 31.42
CA ASN A 53 -7.18 -13.08 31.98
C ASN A 53 -7.64 -11.88 32.80
N LEU A 54 -7.01 -10.73 32.57
CA LEU A 54 -7.51 -9.48 33.11
C LEU A 54 -8.79 -9.08 32.38
N GLU A 55 -9.69 -8.40 33.09
CA GLU A 55 -10.98 -7.98 32.54
C GLU A 55 -10.80 -6.62 31.85
N ALA A 56 -11.25 -6.52 30.61
CA ALA A 56 -10.96 -5.32 29.81
C ALA A 56 -12.16 -4.80 29.02
N TYR A 57 -12.25 -3.48 28.92
CA TYR A 57 -13.33 -2.83 28.19
C TYR A 57 -12.79 -1.60 27.50
N ILE A 58 -13.35 -1.32 26.33
CA ILE A 58 -12.99 -0.15 25.55
C ILE A 58 -14.12 0.86 25.59
N VAL A 59 -13.77 2.11 25.85
CA VAL A 59 -14.77 3.17 25.93
C VAL A 59 -15.10 3.70 24.55
N LEU A 60 -16.34 3.51 24.14
CA LEU A 60 -16.83 4.09 22.90
C LEU A 60 -18.31 4.45 23.03
N ASN A 61 -18.66 5.68 22.66
CA ASN A 61 -20.07 6.09 22.67
C ASN A 61 -20.58 6.17 21.25
N GLU A 62 -21.88 5.98 21.08
CA GLU A 62 -22.50 6.04 19.75
C GLU A 62 -22.09 7.27 18.97
N THR A 63 -21.77 8.34 19.70
CA THR A 63 -21.59 9.62 19.07
C THR A 63 -20.16 9.85 18.64
N ASP A 64 -19.28 8.97 19.09
CA ASP A 64 -17.88 9.02 18.67
C ASP A 64 -17.63 8.30 17.36
N ILE A 65 -18.58 7.47 16.95
CA ILE A 65 -18.33 6.57 15.85
C ILE A 65 -18.74 7.23 14.53
N ASP A 66 -17.72 7.59 13.76
CA ASP A 66 -17.92 8.23 12.47
C ASP A 66 -18.16 7.17 11.39
N PRO A 67 -18.41 7.59 10.15
CA PRO A 67 -18.68 6.72 9.01
C PRO A 67 -17.66 5.61 8.81
N THR A 68 -16.37 5.92 8.85
CA THR A 68 -15.36 4.89 8.68
C THR A 68 -15.46 3.87 9.80
N LEU A 69 -15.53 4.38 11.01
CA LEU A 69 -15.63 3.53 12.19
C LEU A 69 -16.96 2.78 12.18
N ARG A 70 -17.98 3.38 11.58
CA ARG A 70 -19.29 2.74 11.53
C ARG A 70 -19.18 1.45 10.74
N ARG A 71 -18.55 1.52 9.57
CA ARG A 71 -18.32 0.31 8.77
C ARG A 71 -17.64 -0.79 9.56
N VAL A 72 -16.57 -0.44 10.25
CA VAL A 72 -15.93 -1.37 11.15
C VAL A 72 -16.89 -2.03 12.15
N MET A 73 -17.69 -1.22 12.81
CA MET A 73 -18.52 -1.69 13.92
C MET A 73 -19.63 -2.59 13.41
N ASN A 74 -20.03 -2.39 12.17
CA ASN A 74 -21.00 -3.29 11.56
C ASN A 74 -20.41 -4.68 11.39
N GLU A 75 -19.13 -4.76 11.05
CA GLU A 75 -18.46 -6.05 10.95
C GLU A 75 -18.38 -6.64 12.33
N ILE A 76 -18.03 -5.81 13.30
CA ILE A 76 -17.90 -6.24 14.68
C ILE A 76 -19.20 -6.76 15.29
N ASP A 77 -20.34 -6.45 14.68
CA ASP A 77 -21.60 -6.97 15.21
C ASP A 77 -22.05 -8.16 14.40
N LYS A 78 -21.84 -8.08 13.10
CA LYS A 78 -22.28 -9.10 12.17
C LYS A 78 -21.43 -10.38 12.26
N LYS A 79 -20.19 -10.26 12.72
CA LYS A 79 -19.25 -11.37 12.57
C LYS A 79 -18.30 -11.69 13.74
N PRO A 80 -18.54 -11.10 14.92
CA PRO A 80 -17.81 -11.60 16.08
C PRO A 80 -18.60 -11.37 17.36
N GLU A 81 -17.87 -11.45 18.47
CA GLU A 81 -18.41 -11.17 19.80
C GLU A 81 -17.48 -10.12 20.39
N LEU A 82 -17.05 -9.22 19.52
CA LEU A 82 -16.10 -8.20 19.89
C LEU A 82 -16.88 -7.02 20.47
N ARG A 83 -18.13 -6.92 20.08
CA ARG A 83 -19.00 -5.86 20.55
C ARG A 83 -18.96 -5.75 22.07
N GLU A 84 -19.23 -6.86 22.75
CA GLU A 84 -19.50 -6.83 24.19
C GLU A 84 -18.34 -6.30 25.04
N ARG A 85 -17.24 -5.91 24.42
CA ARG A 85 -16.15 -5.33 25.19
C ARG A 85 -16.14 -3.81 25.03
N PHE A 86 -17.10 -3.30 24.27
CA PHE A 86 -17.27 -1.86 24.07
C PHE A 86 -18.36 -1.30 24.97
N ILE A 87 -18.01 -0.29 25.76
CA ILE A 87 -18.96 0.31 26.70
C ILE A 87 -19.02 1.84 26.59
N THR A 88 -20.16 2.38 26.99
CA THR A 88 -20.36 3.82 27.04
C THR A 88 -19.50 4.44 28.15
N SER A 89 -19.23 5.74 28.06
CA SER A 89 -18.66 6.51 29.19
C SER A 89 -19.37 6.26 30.52
N ASP A 90 -20.70 6.26 30.53
CA ASP A 90 -21.43 6.06 31.77
C ASP A 90 -21.10 4.69 32.34
N ASP A 91 -21.22 3.67 31.49
CA ASP A 91 -20.96 2.32 31.95
C ASP A 91 -19.55 2.18 32.45
N ALA A 92 -18.66 2.99 31.90
CA ALA A 92 -17.27 2.94 32.28
C ALA A 92 -17.10 3.46 33.69
N TRP A 93 -17.60 4.66 33.93
CA TRP A 93 -17.63 5.27 35.26
C TRP A 93 -18.32 4.40 36.29
N ASP A 94 -19.58 4.05 36.01
CA ASP A 94 -20.40 3.35 36.97
C ASP A 94 -19.79 1.99 37.33
N MET A 95 -18.67 1.63 36.70
CA MET A 95 -18.06 0.32 36.95
C MET A 95 -16.61 0.34 37.43
N MET A 96 -15.97 1.50 37.43
CA MET A 96 -14.56 1.56 37.80
C MET A 96 -14.30 1.97 39.24
N THR A 97 -13.47 1.20 39.92
CA THR A 97 -13.03 1.55 41.27
C THR A 97 -11.76 2.40 41.21
N SER A 98 -10.97 2.36 42.27
CA SER A 98 -9.78 3.19 42.35
C SER A 98 -8.54 2.33 42.12
N LYS A 99 -8.79 1.01 42.07
CA LYS A 99 -7.78 0.05 41.66
C LYS A 99 -7.94 -0.29 40.17
N THR A 100 -8.94 0.32 39.54
CA THR A 100 -9.16 0.11 38.12
C THR A 100 -8.17 0.92 37.29
N THR A 101 -7.44 0.20 36.45
CA THR A 101 -6.43 0.76 35.58
C THR A 101 -7.03 1.29 34.28
N VAL A 102 -6.85 2.58 34.04
CA VAL A 102 -7.23 3.19 32.78
C VAL A 102 -5.99 3.26 31.87
N VAL A 103 -6.15 2.82 30.62
CA VAL A 103 -5.08 2.92 29.64
C VAL A 103 -5.41 3.91 28.54
N ILE A 104 -4.52 4.88 28.33
CA ILE A 104 -4.68 5.87 27.27
C ILE A 104 -3.85 5.50 26.04
N VAL A 105 -4.51 5.26 24.91
CA VAL A 105 -3.81 4.92 23.66
C VAL A 105 -3.93 6.02 22.61
N ASP A 106 -2.81 6.33 21.95
CA ASP A 106 -2.80 7.17 20.75
C ASP A 106 -3.06 8.64 21.03
N THR A 107 -2.78 9.06 22.26
CA THR A 107 -2.90 10.46 22.63
C THR A 107 -2.32 10.69 24.04
N HIS A 108 -1.91 11.92 24.32
CA HIS A 108 -1.22 12.20 25.58
C HIS A 108 -1.71 13.49 26.29
N LYS A 109 -2.51 14.29 25.60
CA LYS A 109 -3.11 15.48 26.19
C LYS A 109 -4.50 15.14 26.70
N PRO A 110 -4.74 15.37 27.99
CA PRO A 110 -6.00 15.06 28.69
C PRO A 110 -7.23 15.71 28.04
N GLU A 111 -7.07 16.91 27.51
CA GLU A 111 -8.13 17.61 26.76
C GLU A 111 -8.61 16.82 25.56
N LEU A 112 -7.77 15.90 25.09
CA LEU A 112 -8.03 15.14 23.87
C LEU A 112 -8.58 13.75 24.18
N VAL A 113 -8.31 13.25 25.37
CA VAL A 113 -8.86 11.97 25.80
C VAL A 113 -10.39 11.88 25.65
N LEU A 114 -10.86 10.74 25.18
CA LEU A 114 -12.27 10.55 24.84
C LEU A 114 -13.22 10.94 25.99
N ASP A 115 -12.83 10.67 27.23
CA ASP A 115 -13.61 11.15 28.38
C ASP A 115 -12.73 11.58 29.56
N GLU A 116 -12.53 12.90 29.69
CA GLU A 116 -11.71 13.46 30.76
C GLU A 116 -12.23 13.11 32.17
N ASN A 117 -13.53 12.86 32.30
CA ASN A 117 -14.12 12.51 33.59
C ASN A 117 -13.75 11.09 34.03
N VAL A 118 -13.81 10.17 33.08
CA VAL A 118 -13.44 8.77 33.32
C VAL A 118 -11.93 8.68 33.53
N LEU A 119 -11.22 9.58 32.86
CA LEU A 119 -9.78 9.76 33.03
C LEU A 119 -9.44 10.25 34.43
N ASN A 120 -10.03 11.38 34.79
CA ASN A 120 -9.76 12.01 36.07
C ASN A 120 -10.12 11.10 37.26
N LYS A 121 -11.22 10.36 37.14
CA LYS A 121 -11.65 9.50 38.24
C LYS A 121 -10.62 8.45 38.57
N ALA A 122 -9.98 7.91 37.54
CA ALA A 122 -9.05 6.77 37.72
C ALA A 122 -7.80 7.16 38.48
N ASN A 123 -7.39 6.28 39.37
CA ASN A 123 -6.22 6.49 40.23
C ASN A 123 -4.96 5.98 39.54
N ARG A 124 -5.15 5.02 38.63
CA ARG A 124 -4.06 4.33 37.96
C ARG A 124 -4.05 4.52 36.43
N LYS A 125 -3.19 5.40 35.94
CA LYS A 125 -3.20 5.78 34.53
C LYS A 125 -1.93 5.33 33.77
N VAL A 126 -2.11 4.81 32.54
CA VAL A 126 -0.97 4.47 31.68
C VAL A 126 -1.13 5.05 30.26
N VAL A 127 -0.05 5.62 29.72
CA VAL A 127 -0.12 6.31 28.42
C VAL A 127 0.74 5.68 27.32
N ILE A 128 0.11 5.03 26.35
CA ILE A 128 0.79 4.50 25.17
C ILE A 128 0.53 5.38 23.94
N ASP A 129 1.55 6.06 23.46
CA ASP A 129 1.38 6.96 22.34
C ASP A 129 2.65 6.99 21.48
N HIS A 130 2.51 7.39 20.21
CA HIS A 130 3.65 7.36 19.29
C HIS A 130 4.01 8.74 18.76
N HIS A 131 3.55 9.76 19.45
CA HIS A 131 3.88 11.12 19.06
C HIS A 131 4.99 11.63 20.00
N ARG A 132 5.41 12.88 19.81
CA ARG A 132 6.32 13.51 20.77
C ARG A 132 5.54 14.31 21.82
N ARG A 133 6.16 14.51 22.99
CA ARG A 133 5.51 15.18 24.12
C ARG A 133 4.94 16.57 23.80
N GLU A 135 3.36 19.76 25.29
CA GLU A 135 3.39 20.45 26.58
C GLU A 135 2.52 19.72 27.60
N SER A 136 1.20 19.90 27.50
CA SER A 136 0.27 19.23 28.41
C SER A 136 0.50 17.72 28.44
N PHE A 137 0.06 17.08 29.52
CA PHE A 137 0.27 15.64 29.67
C PHE A 137 -0.50 15.06 30.84
N ILE A 138 -0.80 13.76 30.75
CA ILE A 138 -1.55 13.08 31.79
C ILE A 138 -0.84 13.17 33.14
N SER A 139 -1.62 13.30 34.20
CA SER A 139 -1.07 13.47 35.54
C SER A 139 -0.71 12.14 36.22
N ASN A 140 0.51 12.08 36.75
CA ASN A 140 0.98 10.94 37.54
C ASN A 140 0.58 9.59 36.95
N PRO A 141 1.17 9.24 35.80
CA PRO A 141 0.94 7.95 35.15
C PRO A 141 1.85 6.88 35.72
N LEU A 142 1.31 5.69 35.95
CA LEU A 142 2.11 4.56 36.42
C LEU A 142 3.16 4.16 35.38
N LEU A 143 3.00 4.64 34.16
CA LEU A 143 3.93 4.33 33.08
C LEU A 143 3.72 5.19 31.82
N ILE A 144 4.81 5.52 31.17
CA ILE A 144 4.76 6.28 29.93
C ILE A 144 5.55 5.61 28.80
N TYR A 145 4.85 4.97 27.86
CA TYR A 145 5.49 4.41 26.67
C TYR A 145 5.37 5.35 25.47
N MET A 146 6.14 6.43 25.46
CA MET A 146 6.18 7.34 24.33
C MET A 146 7.32 6.99 23.40
N GLU A 147 6.99 6.62 22.16
CA GLU A 147 7.98 6.30 21.15
C GLU A 147 7.59 6.96 19.84
N PRO A 148 8.11 8.17 19.60
CA PRO A 148 7.80 9.00 18.43
C PRO A 148 8.18 8.36 17.08
N TYR A 149 9.06 7.37 17.08
CA TYR A 149 9.52 6.82 15.80
C TYR A 149 8.70 5.65 15.27
N ALA A 150 7.79 5.14 16.08
CA ALA A 150 6.84 4.15 15.57
C ALA A 150 5.94 4.83 14.54
N SER A 151 5.20 4.03 13.77
CA SER A 151 4.30 4.55 12.75
C SER A 151 2.94 4.89 13.33
N SER A 152 2.65 4.29 14.47
CA SER A 152 1.30 4.35 14.98
C SER A 152 1.26 3.68 16.34
N THR A 153 0.16 3.85 17.05
CA THR A 153 0.04 3.22 18.35
C THR A 153 -0.25 1.74 18.15
N ALA A 154 -0.97 1.40 17.09
CA ALA A 154 -1.26 0.01 16.79
C ALA A 154 0.01 -0.81 16.53
N GLU A 155 1.05 -0.18 15.98
CA GLU A 155 2.33 -0.87 15.83
C GLU A 155 2.95 -1.16 17.19
N LEU A 156 3.03 -0.14 18.04
CA LEU A 156 3.61 -0.26 19.39
C LEU A 156 2.90 -1.33 20.24
N VAL A 157 1.59 -1.42 20.11
CA VAL A 157 0.83 -2.41 20.85
C VAL A 157 1.04 -3.80 20.27
N THR A 158 1.19 -3.89 18.95
CA THR A 158 1.43 -5.16 18.29
C THR A 158 2.68 -5.84 18.84
N GLU A 159 3.77 -5.07 18.97
CA GLU A 159 5.01 -5.65 19.43
C GLU A 159 5.08 -5.86 20.94
N LEU A 160 4.04 -5.43 21.66
CA LEU A 160 3.89 -5.76 23.07
C LEU A 160 3.13 -7.06 23.20
N LEU A 161 2.15 -7.27 22.33
CA LEU A 161 1.45 -8.54 22.28
C LEU A 161 2.41 -9.74 22.19
N GLU A 162 3.55 -9.54 21.52
CA GLU A 162 4.54 -10.59 21.31
C GLU A 162 5.44 -10.81 22.52
N TYR A 163 4.85 -11.11 23.67
CA TYR A 163 5.64 -11.49 24.84
C TYR A 163 4.74 -12.23 25.81
N GLN A 164 3.43 -12.01 25.67
CA GLN A 164 2.47 -12.56 26.61
C GLN A 164 2.03 -13.98 26.24
N PRO A 165 1.44 -14.69 27.23
CA PRO A 165 0.85 -16.01 27.04
C PRO A 165 0.30 -16.16 25.64
N THR A 166 1.03 -16.91 24.83
CA THR A 166 0.70 -17.16 23.43
C THR A 166 -0.65 -17.86 23.31
N GLU A 167 -1.19 -18.28 24.45
CA GLU A 167 -2.42 -19.07 24.50
C GLU A 167 -3.60 -18.47 23.71
N GLN A 168 -4.31 -17.52 24.32
CA GLN A 168 -5.49 -16.93 23.69
C GLN A 168 -5.12 -15.91 22.61
N ARG A 169 -5.05 -16.40 21.37
CA ARG A 169 -4.57 -15.62 20.22
C ARG A 169 -5.50 -14.52 19.74
N LEU A 170 -4.90 -13.50 19.15
CA LEU A 170 -5.59 -12.43 18.43
C LEU A 170 -6.58 -13.04 17.44
N THR A 171 -7.83 -12.59 17.41
CA THR A 171 -8.76 -13.05 16.39
C THR A 171 -8.34 -12.47 15.04
N ARG A 172 -8.84 -13.06 13.96
CA ARG A 172 -8.67 -12.47 12.63
C ARG A 172 -9.14 -11.02 12.64
N LEU A 173 -10.35 -10.79 13.17
CA LEU A 173 -10.96 -9.47 13.11
C LEU A 173 -10.23 -8.42 13.93
N GLU A 174 -9.79 -8.78 15.13
CA GLU A 174 -9.00 -7.85 15.92
C GLU A 174 -7.79 -7.49 15.11
N SER A 175 -7.19 -8.49 14.50
CA SER A 175 -6.00 -8.28 13.70
C SER A 175 -6.24 -7.35 12.54
N THR A 176 -7.35 -7.55 11.85
CA THR A 176 -7.69 -6.70 10.72
C THR A 176 -7.73 -5.22 11.11
N VAL A 177 -8.40 -4.92 12.22
CA VAL A 177 -8.56 -3.54 12.66
C VAL A 177 -7.25 -2.91 13.12
N MET A 178 -6.42 -3.69 13.80
CA MET A 178 -5.11 -3.19 14.19
C MET A 178 -4.33 -2.87 12.92
N TYR A 179 -4.42 -3.79 11.96
CA TYR A 179 -3.78 -3.65 10.69
C TYR A 179 -4.27 -2.38 9.96
N ALA A 180 -5.56 -2.13 9.98
CA ALA A 180 -6.13 -0.99 9.27
C ALA A 180 -5.58 0.30 9.83
N GLY A 181 -5.40 0.34 11.15
CA GLY A 181 -4.91 1.51 11.83
C GLY A 181 -3.53 1.85 11.35
N ILE A 182 -2.74 0.80 11.13
CA ILE A 182 -1.41 0.95 10.59
C ILE A 182 -1.46 1.43 9.15
N ILE A 183 -2.36 0.86 8.37
CA ILE A 183 -2.48 1.27 6.99
C ILE A 183 -2.78 2.75 6.92
N VAL A 184 -3.79 3.15 7.67
CA VAL A 184 -4.24 4.54 7.71
C VAL A 184 -3.13 5.49 8.11
N ASP A 185 -2.49 5.25 9.25
CA ASP A 185 -1.42 6.14 9.72
C ASP A 185 -0.15 6.18 8.86
N THR A 186 0.08 5.14 8.04
CA THR A 186 1.27 5.10 7.21
C THR A 186 0.97 5.39 5.75
N ARG A 187 -0.30 5.58 5.43
CA ARG A 187 -0.74 5.69 4.03
C ARG A 187 -0.19 4.54 3.20
N ASN A 188 -0.65 3.34 3.54
CA ASN A 188 -0.23 2.14 2.85
C ASN A 188 1.27 1.97 2.75
N PHE A 189 1.95 2.21 3.86
CA PHE A 189 3.37 1.88 3.97
C PHE A 189 4.26 2.88 3.25
N THR A 190 3.77 4.11 3.09
CA THR A 190 4.55 5.14 2.40
C THR A 190 5.04 6.22 3.35
N LEU A 191 4.58 6.18 4.60
CA LEU A 191 5.00 7.16 5.60
C LEU A 191 5.34 6.53 6.93
N ARG A 192 6.37 7.09 7.56
CA ARG A 192 6.85 6.60 8.84
C ARG A 192 6.88 5.08 8.95
N THR A 193 7.23 4.40 7.85
CA THR A 193 7.32 2.94 7.84
C THR A 193 8.76 2.49 8.02
N GLY A 194 9.02 1.74 9.10
CA GLY A 194 10.33 1.15 9.33
C GLY A 194 10.19 -0.36 9.33
N SER A 195 11.28 -1.06 9.55
CA SER A 195 11.23 -2.51 9.54
C SER A 195 10.30 -2.99 10.64
N ARG A 196 10.21 -2.20 11.71
CA ARG A 196 9.37 -2.59 12.83
C ARG A 196 7.89 -2.47 12.47
N THR A 197 7.56 -1.50 11.62
CA THR A 197 6.21 -1.44 11.07
C THR A 197 5.93 -2.77 10.38
N PHE A 198 6.84 -3.18 9.48
CA PHE A 198 6.69 -4.43 8.73
C PHE A 198 6.73 -5.68 9.60
N ASP A 199 7.53 -5.65 10.65
CA ASP A 199 7.51 -6.72 11.65
C ASP A 199 6.10 -6.86 12.26
N ALA A 200 5.53 -5.73 12.64
CA ALA A 200 4.19 -5.73 13.22
C ALA A 200 3.15 -6.15 12.19
N ALA A 201 3.30 -5.68 10.96
CA ALA A 201 2.38 -6.07 9.93
C ALA A 201 2.48 -7.57 9.71
N SER A 202 3.70 -8.10 9.82
CA SER A 202 3.90 -9.53 9.66
C SER A 202 3.12 -10.29 10.72
N TYR A 203 3.36 -9.91 11.97
CA TYR A 203 2.65 -10.49 13.11
C TYR A 203 1.14 -10.50 12.92
N LEU A 204 0.58 -9.37 12.50
CA LEU A 204 -0.86 -9.27 12.34
C LEU A 204 -1.39 -10.17 11.23
N ARG A 205 -0.70 -10.13 10.09
CA ARG A 205 -1.06 -10.97 8.96
C ARG A 205 -0.91 -12.46 9.32
N ALA A 206 0.08 -12.77 10.14
CA ALA A 206 0.21 -14.12 10.67
C ALA A 206 -1.08 -14.55 11.36
N HIS A 207 -1.73 -13.60 12.06
CA HIS A 207 -2.94 -13.90 12.81
C HIS A 207 -4.27 -13.62 12.12
N GLY A 208 -4.27 -13.60 10.79
CA GLY A 208 -5.50 -13.54 10.04
C GLY A 208 -5.91 -12.18 9.49
N ALA A 209 -5.12 -11.13 9.75
CA ALA A 209 -5.43 -9.79 9.29
C ALA A 209 -5.80 -9.77 7.81
N ASP A 210 -7.04 -9.37 7.54
CA ASP A 210 -7.60 -9.41 6.18
C ASP A 210 -7.37 -8.08 5.43
N THR A 211 -6.52 -8.11 4.41
CA THR A 211 -6.20 -6.90 3.68
C THR A 211 -7.35 -6.37 2.85
N ILE A 212 -8.22 -7.25 2.35
CA ILE A 212 -9.29 -6.75 1.51
C ILE A 212 -10.46 -6.18 2.30
N LEU A 213 -10.68 -6.72 3.50
CA LEU A 213 -11.61 -6.12 4.45
C LEU A 213 -11.05 -4.75 4.82
N THR A 214 -9.74 -4.69 5.06
CA THR A 214 -9.10 -3.40 5.29
C THR A 214 -9.30 -2.42 4.14
N GLN A 215 -9.14 -2.86 2.90
CA GLN A 215 -9.54 -2.05 1.75
C GLN A 215 -10.98 -1.58 1.93
N HIS A 216 -11.86 -2.51 2.27
CA HIS A 216 -13.27 -2.22 2.33
C HIS A 216 -13.65 -1.09 3.32
N PHE A 217 -13.07 -1.12 4.52
CA PHE A 217 -13.30 -0.05 5.49
C PHE A 217 -12.95 1.33 4.96
N LEU A 218 -11.93 1.37 4.09
CA LEU A 218 -11.30 2.64 3.68
C LEU A 218 -11.78 3.24 2.37
N LYS A 219 -12.59 2.52 1.61
CA LYS A 219 -12.97 2.98 0.28
C LYS A 219 -13.58 4.39 0.28
N ASP A 220 -13.08 5.22 -0.64
CA ASP A 220 -13.60 6.57 -0.85
C ASP A 220 -14.93 6.46 -1.56
N ASP A 221 -15.69 7.54 -1.63
CA ASP A 221 -16.94 7.45 -2.39
C ASP A 221 -16.84 8.08 -3.79
N VAL A 222 -17.78 7.70 -4.65
CA VAL A 222 -17.87 8.19 -6.02
C VAL A 222 -17.76 9.71 -6.16
N ASP A 223 -18.59 10.46 -5.41
CA ASP A 223 -18.61 11.92 -5.54
C ASP A 223 -17.28 12.53 -5.15
N THR A 224 -16.59 11.95 -4.18
CA THR A 224 -15.28 12.44 -3.81
C THR A 224 -14.24 12.15 -4.90
N TYR A 225 -14.36 10.99 -5.56
CA TYR A 225 -13.46 10.72 -6.65
C TYR A 225 -13.69 11.76 -7.74
N ILE A 226 -14.91 11.78 -8.26
CA ILE A 226 -15.31 12.76 -9.27
C ILE A 226 -14.89 14.21 -8.96
N ASN A 227 -15.21 14.68 -7.76
CA ASN A 227 -14.85 16.03 -7.35
C ASN A 227 -13.36 16.18 -7.24
N ARG A 228 -12.69 15.11 -6.83
CA ARG A 228 -11.24 15.17 -6.68
C ARG A 228 -10.58 15.25 -8.04
N SER A 229 -11.09 14.50 -9.01
CA SER A 229 -10.48 14.49 -10.32
C SER A 229 -10.77 15.76 -11.09
N GLU A 230 -11.83 16.48 -10.71
CA GLU A 230 -12.14 17.75 -11.37
C GLU A 230 -10.98 18.71 -11.15
N LEU A 231 -10.44 18.70 -9.94
CA LEU A 231 -9.29 19.54 -9.63
C LEU A 231 -8.01 19.09 -10.34
N ILE A 232 -7.84 17.78 -10.45
CA ILE A 232 -6.59 17.22 -10.97
C ILE A 232 -6.41 17.44 -12.47
N ARG A 233 -7.49 17.26 -13.22
CA ARG A 233 -7.44 17.46 -14.66
C ARG A 233 -7.05 18.88 -15.09
N THR A 234 -6.69 19.73 -14.14
CA THR A 234 -6.38 21.12 -14.44
C THR A 234 -4.91 21.39 -14.18
N VAL A 235 -4.20 20.37 -13.71
CA VAL A 235 -2.82 20.53 -13.26
C VAL A 235 -1.85 20.99 -14.36
N LYS A 236 -0.94 21.90 -13.99
CA LYS A 236 0.19 22.27 -14.83
C LYS A 236 1.46 21.92 -14.08
N VAL A 237 2.28 21.08 -14.69
CA VAL A 237 3.53 20.63 -14.10
C VAL A 237 4.72 21.32 -14.77
N GLU A 238 5.52 22.01 -13.96
CA GLU A 238 6.73 22.67 -14.43
C GLU A 238 7.87 21.66 -14.58
N ASP A 239 8.83 21.98 -15.42
CA ASP A 239 10.02 21.14 -15.57
C ASP A 239 10.62 20.80 -14.23
N ASN A 240 10.62 21.78 -13.32
CA ASN A 240 11.26 21.65 -12.02
C ASN A 240 10.46 20.78 -11.03
N GLY A 241 9.32 20.25 -11.48
CA GLY A 241 8.56 19.33 -10.64
C GLY A 241 7.45 19.92 -9.79
N ILE A 242 7.30 21.25 -9.80
CA ILE A 242 6.20 21.90 -9.09
C ILE A 242 4.93 21.78 -9.91
N ALA A 243 3.85 21.37 -9.27
CA ALA A 243 2.58 21.23 -9.97
C ALA A 243 1.48 22.05 -9.29
N ILE A 244 0.69 22.74 -10.10
CA ILE A 244 -0.47 23.49 -9.61
C ILE A 244 -1.78 23.09 -10.29
N ALA A 245 -2.76 22.68 -9.48
CA ALA A 245 -4.12 22.42 -9.95
C ALA A 245 -5.04 23.46 -9.33
N HIS A 246 -6.24 23.64 -9.87
CA HIS A 246 -7.17 24.63 -9.34
C HIS A 246 -8.64 24.29 -9.58
N GLY A 247 -9.50 24.84 -8.72
CA GLY A 247 -10.92 24.85 -8.98
C GLY A 247 -11.30 26.17 -9.61
N SER A 248 -12.28 26.14 -10.50
CA SER A 248 -12.84 27.36 -11.06
C SER A 248 -13.31 28.31 -9.94
N ASP A 249 -13.20 29.62 -10.15
CA ASP A 249 -13.48 30.64 -9.11
C ASP A 249 -14.95 30.64 -8.62
N ASP A 250 -15.84 30.15 -9.47
CA ASP A 250 -17.27 30.16 -9.16
C ASP A 250 -17.77 28.92 -8.40
N LYS A 251 -16.89 27.96 -8.13
CA LYS A 251 -17.33 26.73 -7.48
C LYS A 251 -16.66 26.48 -6.13
N ILE A 252 -17.49 26.08 -5.16
CA ILE A 252 -17.02 25.80 -3.81
C ILE A 252 -16.64 24.33 -3.72
N TYR A 253 -15.39 24.07 -3.36
CA TYR A 253 -14.95 22.70 -3.11
C TYR A 253 -14.83 22.41 -1.62
N HIS A 254 -15.24 21.21 -1.24
CA HIS A 254 -15.03 20.70 0.10
C HIS A 254 -13.54 20.57 0.37
N PRO A 255 -13.08 21.09 1.52
CA PRO A 255 -11.65 21.17 1.84
C PRO A 255 -10.96 19.82 1.97
N VAL A 256 -11.71 18.74 2.04
CA VAL A 256 -11.06 17.43 2.17
C VAL A 256 -10.68 16.92 0.79
N THR A 257 -11.63 16.99 -0.15
CA THR A 257 -11.36 16.64 -1.52
C THR A 257 -10.26 17.52 -2.15
N VAL A 258 -10.05 18.72 -1.59
CA VAL A 258 -8.91 19.55 -1.98
C VAL A 258 -7.61 18.97 -1.42
N ALA A 259 -7.62 18.62 -0.14
CA ALA A 259 -6.46 17.99 0.48
C ALA A 259 -6.08 16.70 -0.23
N GLN A 260 -7.09 15.92 -0.61
CA GLN A 260 -6.92 14.64 -1.27
C GLN A 260 -6.33 14.81 -2.67
N ALA A 261 -6.90 15.75 -3.43
CA ALA A 261 -6.36 16.09 -4.73
C ALA A 261 -4.85 16.34 -4.64
N ALA A 262 -4.45 17.20 -3.70
CA ALA A 262 -3.03 17.48 -3.50
C ALA A 262 -2.20 16.21 -3.29
N ASP A 263 -2.72 15.29 -2.49
CA ASP A 263 -2.09 13.99 -2.23
C ASP A 263 -1.97 13.15 -3.50
N GLU A 264 -3.11 12.97 -4.16
CA GLU A 264 -3.21 12.17 -5.36
C GLU A 264 -2.20 12.57 -6.45
N LEU A 265 -1.92 13.87 -6.55
CA LEU A 265 -0.99 14.37 -7.58
C LEU A 265 0.45 13.90 -7.36
N LEU A 266 0.83 13.73 -6.10
CA LEU A 266 2.14 13.20 -5.76
C LEU A 266 2.38 11.79 -6.33
N SER A 267 1.33 11.18 -6.88
CA SER A 267 1.48 9.85 -7.45
C SER A 267 1.56 9.86 -8.98
N LEU A 268 1.70 11.05 -9.58
CA LEU A 268 1.83 11.16 -11.02
C LEU A 268 3.26 11.54 -11.37
N GLU A 269 3.74 11.10 -12.53
CA GLU A 269 5.12 11.31 -12.86
C GLU A 269 5.45 12.78 -13.03
N GLY A 270 6.57 13.19 -12.45
CA GLY A 270 7.13 14.51 -12.68
C GLY A 270 6.73 15.52 -11.64
N ILE A 271 5.89 15.10 -10.70
CA ILE A 271 5.39 15.95 -9.63
C ILE A 271 6.06 15.63 -8.30
N GLU A 272 6.76 16.64 -7.76
CA GLU A 272 7.52 16.50 -6.53
C GLU A 272 6.82 17.25 -5.40
N ALA A 273 6.20 18.37 -5.76
CA ALA A 273 5.40 19.15 -4.83
C ALA A 273 4.09 19.53 -5.52
N SER A 274 2.97 19.39 -4.80
CA SER A 274 1.69 19.79 -5.38
C SER A 274 1.04 20.93 -4.62
N TYR A 275 0.41 21.83 -5.36
CA TYR A 275 -0.38 22.88 -4.76
C TYR A 275 -1.74 22.87 -5.40
N VAL A 276 -2.79 22.79 -4.58
CA VAL A 276 -4.15 22.81 -5.11
C VAL A 276 -4.92 24.01 -4.55
N VAL A 277 -5.47 24.78 -5.47
CA VAL A 277 -6.10 26.04 -5.15
C VAL A 277 -7.58 25.93 -5.48
N ALA A 278 -8.43 26.22 -4.50
CA ALA A 278 -9.87 26.12 -4.70
C ALA A 278 -10.68 26.98 -3.72
N ARG A 279 -11.81 27.49 -4.19
CA ARG A 279 -12.65 28.31 -3.35
C ARG A 279 -13.20 27.45 -2.18
N ARG A 280 -12.98 27.94 -0.96
CA ARG A 280 -13.48 27.26 0.21
C ARG A 280 -14.79 27.90 0.65
N GLU A 281 -14.78 29.22 0.77
CA GLU A 281 -15.96 30.00 1.15
C GLU A 281 -16.27 31.09 0.14
N ASP A 282 -17.41 31.77 0.34
CA ASP A 282 -17.84 32.90 -0.47
C ASP A 282 -16.76 33.96 -0.67
N ASN A 283 -15.88 34.09 0.31
CA ASN A 283 -14.75 35.02 0.23
C ASN A 283 -13.46 34.42 0.82
N LEU A 284 -13.26 33.13 0.61
CA LEU A 284 -12.07 32.49 1.12
C LEU A 284 -11.61 31.50 0.08
N ILE A 285 -10.30 31.52 -0.18
CA ILE A 285 -9.65 30.55 -1.03
C ILE A 285 -8.74 29.66 -0.18
N GLY A 286 -8.79 28.35 -0.42
CA GLY A 286 -7.95 27.44 0.32
C GLY A 286 -6.89 26.83 -0.58
N ILE A 287 -5.74 26.51 -0.01
CA ILE A 287 -4.68 25.86 -0.77
C ILE A 287 -4.07 24.74 0.05
N SER A 288 -4.07 23.54 -0.50
CA SER A 288 -3.35 22.42 0.09
C SER A 288 -2.05 22.19 -0.66
N ALA A 289 -0.96 22.00 0.08
CA ALA A 289 0.36 21.77 -0.49
C ALA A 289 0.90 20.43 0.02
N ARG A 290 1.67 19.73 -0.81
CA ARG A 290 2.15 18.39 -0.50
C ARG A 290 3.40 18.06 -1.30
N SER A 291 4.31 17.27 -0.72
CA SER A 291 5.52 16.95 -1.45
C SER A 291 6.15 15.65 -0.98
N LEU A 292 7.16 15.20 -1.70
CA LEU A 292 7.81 13.95 -1.35
C LEU A 292 8.94 14.17 -0.36
N GLY A 293 9.38 15.42 -0.22
CA GLY A 293 10.37 15.77 0.77
C GLY A 293 11.50 16.56 0.16
N SER A 294 11.47 16.69 -1.15
CA SER A 294 12.51 17.44 -1.83
C SER A 294 12.16 18.91 -1.68
N VAL A 295 10.94 19.26 -2.08
CA VAL A 295 10.43 20.60 -1.87
C VAL A 295 9.75 20.71 -0.50
N ASN A 296 10.10 21.77 0.22
CA ASN A 296 9.56 22.05 1.54
C ASN A 296 8.36 22.98 1.44
N VAL A 297 7.16 22.40 1.45
CA VAL A 297 5.94 23.16 1.22
C VAL A 297 5.44 23.90 2.46
N GLN A 298 6.17 23.77 3.55
CA GLN A 298 5.87 24.52 4.76
C GLN A 298 6.27 25.96 4.51
N LEU A 299 7.46 26.15 3.97
CA LEU A 299 7.95 27.48 3.66
C LEU A 299 6.97 28.18 2.71
N THR A 300 6.47 27.44 1.73
CA THR A 300 5.58 28.03 0.75
C THR A 300 4.29 28.51 1.39
N MET A 301 3.73 27.70 2.27
CA MET A 301 2.49 28.07 2.93
C MET A 301 2.70 29.17 3.94
N GLU A 302 3.81 29.11 4.67
CA GLU A 302 4.08 30.12 5.68
C GLU A 302 4.13 31.49 5.02
N ALA A 303 4.73 31.56 3.84
CA ALA A 303 4.86 32.81 3.12
C ALA A 303 3.55 33.31 2.54
N LEU A 304 2.50 32.50 2.68
CA LEU A 304 1.16 32.89 2.25
C LEU A 304 0.20 32.85 3.43
N GLY A 305 0.75 32.88 4.64
CA GLY A 305 -0.05 33.01 5.84
C GLY A 305 -0.55 31.70 6.42
N GLY A 306 0.00 30.58 5.97
CA GLY A 306 -0.39 29.27 6.47
C GLY A 306 0.76 28.58 7.17
N GLY A 307 0.78 27.26 7.13
CA GLY A 307 1.87 26.48 7.70
C GLY A 307 1.67 24.98 7.80
N GLY A 308 2.62 24.32 8.45
CA GLY A 308 2.55 22.88 8.63
C GLY A 308 3.93 22.24 8.59
N HIS A 309 4.10 21.23 7.75
CA HIS A 309 5.33 20.47 7.78
C HIS A 309 5.92 20.35 6.41
N LEU A 310 7.17 19.92 6.35
CA LEU A 310 7.90 19.92 5.09
C LEU A 310 7.11 19.35 3.91
N THR A 311 6.30 18.33 4.15
CA THR A 311 5.65 17.63 3.04
C THR A 311 4.15 17.80 3.09
N ASN A 312 3.68 18.41 4.17
CA ASN A 312 2.27 18.65 4.35
C ASN A 312 2.05 20.04 4.94
N ALA A 313 1.36 20.90 4.20
CA ALA A 313 1.09 22.25 4.68
C ALA A 313 -0.15 22.79 3.99
N ALA A 314 -0.70 23.89 4.49
CA ALA A 314 -1.82 24.53 3.83
C ALA A 314 -1.97 25.98 4.24
N THR A 315 -2.86 26.69 3.55
CA THR A 315 -3.16 28.06 3.89
C THR A 315 -4.53 28.49 3.39
N GLN A 316 -4.98 29.64 3.88
CA GLN A 316 -6.26 30.18 3.49
C GLN A 316 -6.10 31.67 3.23
N LEU A 317 -6.77 32.16 2.18
CA LEU A 317 -6.66 33.54 1.75
C LEU A 317 -8.04 34.21 1.54
N LYS A 318 -8.27 35.34 2.21
CA LYS A 318 -9.57 36.02 2.05
C LYS A 318 -9.58 37.14 1.02
N GLY A 319 -10.72 37.28 0.34
CA GLY A 319 -10.96 38.39 -0.57
C GLY A 319 -10.46 38.20 -1.98
N VAL A 320 -9.65 37.16 -2.17
CA VAL A 320 -9.03 36.95 -3.47
C VAL A 320 -9.88 36.04 -4.33
N THR A 321 -9.72 36.15 -5.64
CA THR A 321 -10.29 35.18 -6.56
C THR A 321 -9.31 34.01 -6.68
N VAL A 322 -9.74 32.92 -7.30
CA VAL A 322 -8.86 31.78 -7.50
C VAL A 322 -7.57 32.23 -8.20
N GLU A 323 -7.70 33.08 -9.21
CA GLU A 323 -6.57 33.52 -10.02
C GLU A 323 -5.57 34.40 -9.28
N GLU A 324 -6.05 35.26 -8.40
CA GLU A 324 -5.13 36.08 -7.62
C GLU A 324 -4.29 35.24 -6.66
N ALA A 325 -4.91 34.20 -6.08
CA ALA A 325 -4.23 33.34 -5.12
C ALA A 325 -3.17 32.50 -5.80
N ILE A 326 -3.45 32.10 -7.04
CA ILE A 326 -2.47 31.39 -7.84
C ILE A 326 -1.27 32.28 -8.11
N ALA A 327 -1.55 33.54 -8.45
CA ALA A 327 -0.51 34.53 -8.66
C ALA A 327 0.38 34.71 -7.42
N GLN A 328 -0.24 34.89 -6.25
CA GLN A 328 0.52 35.00 -5.01
C GLN A 328 1.27 33.70 -4.74
N LEU A 329 0.63 32.58 -5.05
CA LEU A 329 1.30 31.29 -4.96
C LEU A 329 2.56 31.18 -5.83
N GLN A 330 2.47 31.59 -7.11
CA GLN A 330 3.64 31.51 -8.00
C GLN A 330 4.75 32.47 -7.57
N GLN A 331 4.35 33.69 -7.25
CA GLN A 331 5.24 34.67 -6.65
C GLN A 331 6.04 34.07 -5.50
N ALA A 332 5.36 33.33 -4.63
CA ALA A 332 6.01 32.72 -3.47
C ALA A 332 6.96 31.61 -3.88
N ILE A 333 6.49 30.71 -4.72
CA ILE A 333 7.33 29.63 -5.23
C ILE A 333 8.60 30.16 -5.94
N THR A 334 8.43 31.04 -6.92
CA THR A 334 9.59 31.53 -7.66
C THR A 334 10.54 32.23 -6.71
N GLU A 335 9.99 32.81 -5.67
CA GLU A 335 10.83 33.49 -4.68
C GLU A 335 11.54 32.46 -3.79
N GLN A 336 10.87 31.35 -3.51
CA GLN A 336 11.43 30.34 -2.63
C GLN A 336 12.51 29.53 -3.33
N LEU A 337 12.27 29.22 -4.60
CA LEU A 337 13.20 28.44 -5.41
C LEU A 337 13.92 29.29 -6.45
N SER A 338 14.39 30.47 -6.07
CA SER A 338 15.09 31.33 -7.03
C SER A 338 16.39 30.71 -7.57
N ARG A 339 16.93 29.71 -6.86
CA ARG A 339 18.22 29.09 -7.22
C ARG A 339 18.24 27.57 -7.00
CA VAL B 7 14.40 -24.03 8.10
C VAL B 7 14.70 -24.47 6.66
N ARG B 8 13.64 -24.70 5.91
CA ARG B 8 13.74 -25.05 4.50
C ARG B 8 14.56 -24.04 3.71
N ALA B 9 14.33 -22.75 3.97
CA ALA B 9 15.07 -21.71 3.27
C ALA B 9 16.54 -21.66 3.70
N ARG B 10 16.81 -22.05 4.94
CA ARG B 10 18.18 -22.11 5.41
C ARG B 10 18.90 -23.19 4.62
N VAL B 11 18.22 -24.32 4.45
CA VAL B 11 18.76 -25.45 3.71
C VAL B 11 19.04 -25.04 2.28
N ILE B 12 18.03 -24.43 1.64
CA ILE B 12 18.13 -24.00 0.25
C ILE B 12 19.21 -22.93 0.09
N SER B 13 19.25 -21.98 1.00
CA SER B 13 20.26 -20.95 0.97
C SER B 13 21.64 -21.58 0.87
N HIS B 14 21.97 -22.40 1.87
CA HIS B 14 23.28 -23.07 1.94
C HIS B 14 23.58 -24.00 0.76
N ALA B 15 22.56 -24.69 0.26
CA ALA B 15 22.73 -25.59 -0.87
C ALA B 15 23.08 -24.81 -2.15
N LEU B 16 22.51 -23.61 -2.27
CA LEU B 16 22.73 -22.76 -3.42
C LEU B 16 24.13 -22.17 -3.38
N LYS B 17 24.61 -21.93 -2.17
CA LYS B 17 25.96 -21.43 -1.99
C LYS B 17 26.97 -22.44 -2.56
N ASP B 18 26.81 -23.72 -2.23
CA ASP B 18 27.71 -24.76 -2.73
C ASP B 18 27.65 -24.86 -4.25
N ILE B 19 26.45 -24.99 -4.78
CA ILE B 19 26.23 -25.07 -6.21
C ILE B 19 26.80 -23.87 -6.98
N LEU B 20 26.76 -22.68 -6.39
CA LEU B 20 27.28 -21.50 -7.09
C LEU B 20 28.80 -21.43 -7.02
N ALA B 21 29.34 -21.79 -5.86
CA ALA B 21 30.77 -21.74 -5.59
C ALA B 21 31.55 -22.80 -6.38
N GLU B 22 30.89 -23.92 -6.67
CA GLU B 22 31.57 -25.00 -7.38
C GLU B 22 31.48 -24.86 -8.90
N GLY B 23 30.75 -23.87 -9.38
CA GLY B 23 30.76 -23.50 -10.78
C GLY B 23 31.84 -22.45 -10.94
N ASP B 24 31.97 -21.85 -12.12
CA ASP B 24 33.10 -20.95 -12.37
C ASP B 24 32.69 -19.49 -12.44
N LYS B 25 31.38 -19.28 -12.43
CA LYS B 25 30.77 -17.95 -12.39
C LYS B 25 29.26 -18.16 -12.51
N VAL B 26 28.48 -17.10 -12.25
CA VAL B 26 27.03 -17.19 -12.25
C VAL B 26 26.42 -16.25 -13.27
N ILE B 27 25.48 -16.77 -14.06
CA ILE B 27 24.73 -15.94 -15.00
C ILE B 27 23.27 -15.96 -14.62
N ILE B 28 22.67 -14.79 -14.50
CA ILE B 28 21.35 -14.71 -13.92
C ILE B 28 20.40 -14.20 -14.97
N MET B 29 19.24 -14.83 -15.07
CA MET B 29 18.31 -14.49 -16.15
C MET B 29 16.86 -14.68 -15.68
N GLY B 30 16.01 -13.69 -15.94
CA GLY B 30 14.60 -13.81 -15.61
C GLY B 30 13.80 -14.13 -16.86
N HIS B 31 12.57 -13.63 -16.93
CA HIS B 31 11.70 -13.89 -18.08
C HIS B 31 11.75 -12.75 -19.10
N LYS B 32 11.02 -12.92 -20.19
CA LYS B 32 11.01 -11.95 -21.28
C LYS B 32 10.21 -10.70 -20.92
N ARG B 33 10.68 -9.57 -21.42
CA ARG B 33 10.15 -8.29 -20.99
C ARG B 33 10.04 -8.29 -19.46
N PRO B 34 11.21 -8.36 -18.81
CA PRO B 34 11.31 -8.50 -17.36
C PRO B 34 10.63 -7.36 -16.62
N ASP B 35 9.97 -7.70 -15.50
CA ASP B 35 9.31 -6.71 -14.68
C ASP B 35 10.18 -6.45 -13.45
N LEU B 36 9.76 -5.54 -12.56
CA LEU B 36 10.64 -5.16 -11.46
C LEU B 36 10.96 -6.32 -10.54
N ASP B 37 10.07 -7.30 -10.47
CA ASP B 37 10.28 -8.48 -9.64
C ASP B 37 11.40 -9.37 -10.20
N ALA B 38 11.34 -9.67 -11.50
CA ALA B 38 12.40 -10.46 -12.12
C ALA B 38 13.75 -9.77 -11.92
N ILE B 39 13.77 -8.45 -12.16
CA ILE B 39 14.99 -7.65 -12.00
C ILE B 39 15.44 -7.55 -10.55
N GLY B 40 14.51 -7.27 -9.63
CA GLY B 40 14.78 -7.30 -8.21
C GLY B 40 15.35 -8.64 -7.77
N ALA B 41 14.66 -9.73 -8.11
CA ALA B 41 15.15 -11.07 -7.85
C ALA B 41 16.56 -11.35 -8.39
N ALA B 42 16.80 -11.09 -9.68
CA ALA B 42 18.13 -11.24 -10.28
C ALA B 42 19.20 -10.46 -9.50
N ILE B 43 18.89 -9.21 -9.18
CA ILE B 43 19.79 -8.39 -8.38
C ILE B 43 20.10 -9.05 -7.05
N GLY B 44 19.08 -9.54 -6.36
CA GLY B 44 19.27 -10.18 -5.07
C GLY B 44 20.20 -11.38 -5.19
N VAL B 45 19.98 -12.17 -6.24
CA VAL B 45 20.81 -13.33 -6.51
C VAL B 45 22.25 -12.91 -6.79
N SER B 46 22.44 -11.76 -7.40
CA SER B 46 23.80 -11.33 -7.69
C SER B 46 24.49 -10.81 -6.42
N ARG B 47 23.72 -10.23 -5.51
CA ARG B 47 24.25 -9.86 -4.20
C ARG B 47 24.62 -11.09 -3.39
N PHE B 48 23.74 -12.09 -3.39
CA PHE B 48 24.01 -13.40 -2.82
C PHE B 48 25.38 -13.92 -3.25
N ALA B 49 25.62 -13.93 -4.56
CA ALA B 49 26.89 -14.41 -5.09
C ALA B 49 28.02 -13.58 -4.52
N MET B 50 27.91 -12.26 -4.63
CA MET B 50 28.98 -11.40 -4.16
C MET B 50 29.34 -11.66 -2.71
N MET B 51 28.32 -11.89 -1.89
CA MET B 51 28.53 -12.16 -0.47
C MET B 51 29.45 -13.37 -0.28
N ASN B 52 29.78 -14.04 -1.38
CA ASN B 52 30.71 -15.15 -1.35
C ASN B 52 31.80 -15.01 -2.42
N ASN B 53 32.17 -13.76 -2.69
CA ASN B 53 33.14 -13.41 -3.73
C ASN B 53 33.06 -14.26 -4.99
N LEU B 54 31.85 -14.71 -5.33
CA LEU B 54 31.61 -15.34 -6.62
C LEU B 54 31.44 -14.27 -7.68
N GLU B 55 31.44 -14.69 -8.94
CA GLU B 55 31.38 -13.78 -10.08
C GLU B 55 30.01 -13.88 -10.72
N ALA B 56 29.23 -12.80 -10.65
CA ALA B 56 27.84 -12.88 -11.09
C ALA B 56 27.47 -11.85 -12.14
N TYR B 57 26.64 -12.26 -13.09
CA TYR B 57 26.16 -11.37 -14.14
C TYR B 57 24.65 -11.51 -14.35
N ILE B 58 24.00 -10.38 -14.63
CA ILE B 58 22.59 -10.36 -14.93
C ILE B 58 22.38 -10.09 -16.41
N VAL B 59 21.61 -10.93 -17.09
CA VAL B 59 21.42 -10.75 -18.52
C VAL B 59 20.29 -9.78 -18.83
N LEU B 60 20.60 -8.80 -19.67
CA LEU B 60 19.62 -7.77 -20.00
C LEU B 60 20.00 -7.02 -21.27
N ASN B 61 19.13 -7.08 -22.27
CA ASN B 61 19.35 -6.37 -23.53
C ASN B 61 18.56 -5.07 -23.59
N GLU B 62 19.03 -4.12 -24.40
CA GLU B 62 18.42 -2.80 -24.42
C GLU B 62 16.99 -2.85 -24.97
N THR B 63 16.70 -3.87 -25.76
CA THR B 63 15.36 -4.07 -26.27
C THR B 63 14.47 -4.68 -25.19
N ASP B 64 15.09 -5.04 -24.07
CA ASP B 64 14.36 -5.75 -23.01
C ASP B 64 14.00 -4.85 -21.84
N ILE B 65 13.98 -3.54 -22.11
CA ILE B 65 13.85 -2.54 -21.08
C ILE B 65 12.68 -1.65 -21.41
N ASP B 66 11.54 -1.90 -20.75
CA ASP B 66 10.36 -1.04 -20.88
C ASP B 66 10.52 0.31 -20.15
N PRO B 67 9.56 1.22 -20.34
CA PRO B 67 9.52 2.52 -19.66
C PRO B 67 9.81 2.45 -18.16
N THR B 68 9.12 1.55 -17.46
CA THR B 68 9.29 1.39 -16.02
C THR B 68 10.73 1.03 -15.69
N LEU B 69 11.22 0.00 -16.35
CA LEU B 69 12.58 -0.49 -16.14
C LEU B 69 13.64 0.56 -16.47
N ARG B 70 13.36 1.40 -17.45
CA ARG B 70 14.33 2.41 -17.85
C ARG B 70 14.55 3.40 -16.69
N ARG B 71 13.45 3.79 -16.06
CA ARG B 71 13.48 4.62 -14.86
C ARG B 71 14.38 4.00 -13.79
N VAL B 72 14.41 2.66 -13.75
CA VAL B 72 15.16 1.93 -12.74
C VAL B 72 16.63 1.86 -13.12
N MET B 73 16.90 1.56 -14.40
CA MET B 73 18.27 1.55 -14.92
C MET B 73 18.92 2.92 -14.79
N ASN B 74 18.11 3.98 -14.94
CA ASN B 74 18.57 5.35 -14.74
C ASN B 74 19.24 5.59 -13.38
N GLU B 75 18.72 4.95 -12.32
CA GLU B 75 19.34 5.02 -11.01
C GLU B 75 20.58 4.14 -10.89
N ILE B 76 20.47 2.95 -11.46
CA ILE B 76 21.57 1.99 -11.45
C ILE B 76 22.84 2.53 -12.14
N ASP B 77 22.67 3.33 -13.18
CA ASP B 77 23.83 3.90 -13.89
C ASP B 77 24.72 4.75 -12.99
N LYS B 78 24.20 5.18 -11.85
CA LYS B 78 24.96 6.03 -10.94
C LYS B 78 25.88 5.24 -10.02
N LYS B 79 25.71 3.92 -10.00
CA LYS B 79 26.59 3.08 -9.18
C LYS B 79 27.29 2.08 -10.09
N PRO B 80 28.47 2.46 -10.62
CA PRO B 80 29.09 1.65 -11.67
C PRO B 80 29.25 0.21 -11.22
N GLU B 81 29.53 0.00 -9.94
CA GLU B 81 29.68 -1.35 -9.42
C GLU B 81 28.47 -2.17 -9.83
N LEU B 82 27.29 -1.62 -9.55
CA LEU B 82 26.04 -2.28 -9.86
C LEU B 82 25.71 -2.27 -11.35
N ARG B 83 26.02 -1.19 -12.05
CA ARG B 83 25.71 -1.13 -13.47
C ARG B 83 26.53 -2.16 -14.24
N GLU B 84 27.72 -2.46 -13.75
CA GLU B 84 28.65 -3.33 -14.48
C GLU B 84 28.26 -4.79 -14.38
N ARG B 85 27.33 -5.11 -13.49
CA ARG B 85 26.89 -6.48 -13.35
C ARG B 85 25.97 -6.93 -14.50
N PHE B 86 25.35 -5.97 -15.18
CA PHE B 86 24.41 -6.29 -16.26
C PHE B 86 25.12 -6.46 -17.59
N ILE B 87 24.84 -7.57 -18.26
CA ILE B 87 25.47 -7.90 -19.53
C ILE B 87 24.40 -8.30 -20.56
N THR B 88 24.76 -8.25 -21.83
CA THR B 88 23.85 -8.58 -22.93
C THR B 88 23.84 -10.09 -23.14
N SER B 89 22.88 -10.56 -23.93
CA SER B 89 22.81 -11.94 -24.37
C SER B 89 24.12 -12.44 -25.00
N ASP B 90 24.73 -11.62 -25.86
CA ASP B 90 26.01 -11.95 -26.48
C ASP B 90 27.13 -12.05 -25.45
N ASP B 91 27.30 -11.02 -24.64
CA ASP B 91 28.36 -11.03 -23.64
C ASP B 91 28.25 -12.33 -22.86
N ALA B 92 27.01 -12.75 -22.62
CA ALA B 92 26.71 -13.90 -21.77
C ALA B 92 27.04 -15.20 -22.45
N TRP B 93 26.57 -15.36 -23.68
CA TRP B 93 26.87 -16.55 -24.45
C TRP B 93 28.37 -16.80 -24.55
N ASP B 94 29.12 -15.77 -24.94
CA ASP B 94 30.55 -15.90 -25.17
C ASP B 94 31.33 -16.15 -23.89
N MET B 95 30.69 -15.98 -22.73
CA MET B 95 31.40 -16.25 -21.47
C MET B 95 30.93 -17.49 -20.74
N MET B 96 29.85 -18.11 -21.22
CA MET B 96 29.38 -19.37 -20.66
C MET B 96 30.36 -20.50 -20.96
N THR B 97 30.58 -21.35 -19.97
CA THR B 97 31.35 -22.58 -20.16
C THR B 97 30.49 -23.75 -19.71
N SER B 98 31.13 -24.85 -19.36
CA SER B 98 30.39 -26.03 -18.94
C SER B 98 30.29 -26.00 -17.43
N LYS B 99 31.10 -25.15 -16.81
CA LYS B 99 31.09 -25.01 -15.36
C LYS B 99 30.26 -23.79 -14.95
N THR B 100 29.78 -23.05 -15.94
CA THR B 100 29.01 -21.86 -15.67
C THR B 100 27.60 -22.20 -15.19
N THR B 101 27.20 -21.58 -14.09
CA THR B 101 25.89 -21.89 -13.54
C THR B 101 24.86 -20.78 -13.79
N VAL B 102 23.82 -21.13 -14.54
CA VAL B 102 22.72 -20.23 -14.91
C VAL B 102 21.52 -20.31 -13.96
N VAL B 103 21.15 -19.17 -13.37
CA VAL B 103 19.99 -19.10 -12.47
C VAL B 103 18.82 -18.39 -13.15
N ILE B 104 17.70 -19.10 -13.25
CA ILE B 104 16.48 -18.52 -13.80
C ILE B 104 15.59 -18.03 -12.65
N VAL B 105 15.20 -16.75 -12.71
CA VAL B 105 14.36 -16.15 -11.69
C VAL B 105 12.99 -15.79 -12.25
N ASP B 106 11.96 -16.05 -11.45
CA ASP B 106 10.60 -15.58 -11.74
C ASP B 106 9.97 -16.25 -12.95
N THR B 107 10.54 -17.35 -13.37
CA THR B 107 9.90 -18.16 -14.39
C THR B 107 10.41 -19.57 -14.28
N HIS B 108 9.66 -20.50 -14.85
CA HIS B 108 10.08 -21.90 -14.84
C HIS B 108 9.80 -22.52 -16.22
N LYS B 109 9.39 -21.67 -17.15
CA LYS B 109 8.92 -22.12 -18.45
C LYS B 109 9.96 -21.77 -19.49
N PRO B 110 10.55 -22.80 -20.14
CA PRO B 110 11.67 -22.62 -21.05
C PRO B 110 11.44 -21.57 -22.14
N GLU B 111 10.21 -21.50 -22.67
CA GLU B 111 9.88 -20.51 -23.69
C GLU B 111 9.52 -19.13 -23.14
N LEU B 112 9.64 -18.95 -21.82
CA LEU B 112 9.40 -17.66 -21.19
C LEU B 112 10.68 -17.00 -20.72
N VAL B 113 11.74 -17.78 -20.66
CA VAL B 113 13.04 -17.29 -20.26
C VAL B 113 13.47 -16.17 -21.22
N LEU B 114 14.15 -15.16 -20.69
CA LEU B 114 14.56 -14.03 -21.50
C LEU B 114 15.33 -14.47 -22.78
N ASP B 115 16.39 -15.26 -22.63
CA ASP B 115 17.07 -15.76 -23.82
C ASP B 115 17.15 -17.28 -23.88
N GLU B 116 16.26 -17.89 -24.67
CA GLU B 116 16.24 -19.33 -24.84
C GLU B 116 17.63 -19.90 -25.20
N ASN B 117 18.35 -19.19 -26.06
CA ASN B 117 19.71 -19.58 -26.44
C ASN B 117 20.69 -19.75 -25.27
N VAL B 118 20.86 -18.69 -24.47
CA VAL B 118 21.64 -18.74 -23.24
C VAL B 118 21.23 -19.91 -22.34
N LEU B 119 19.92 -20.15 -22.24
CA LEU B 119 19.41 -21.28 -21.47
C LEU B 119 19.91 -22.59 -22.05
N ASN B 120 19.66 -22.77 -23.34
CA ASN B 120 20.03 -23.98 -24.05
C ASN B 120 21.52 -24.31 -23.94
N LYS B 121 22.37 -23.29 -23.90
CA LYS B 121 23.79 -23.53 -23.74
C LYS B 121 24.14 -23.84 -22.28
N ALA B 122 23.22 -23.60 -21.38
CA ALA B 122 23.46 -23.79 -19.96
C ALA B 122 23.61 -25.26 -19.58
N ASN B 123 24.70 -25.57 -18.88
CA ASN B 123 24.96 -26.91 -18.42
C ASN B 123 24.45 -27.10 -16.99
N ARG B 124 24.84 -26.18 -16.12
CA ARG B 124 24.37 -26.15 -14.73
C ARG B 124 23.25 -25.13 -14.58
N LYS B 125 22.12 -25.56 -14.01
CA LYS B 125 20.93 -24.71 -13.91
C LYS B 125 20.28 -24.69 -12.52
N VAL B 126 19.63 -23.55 -12.20
CA VAL B 126 18.92 -23.36 -10.93
C VAL B 126 17.61 -22.63 -11.24
N VAL B 127 16.55 -22.93 -10.50
CA VAL B 127 15.26 -22.26 -10.71
C VAL B 127 14.60 -21.78 -9.44
N ILE B 128 14.33 -20.48 -9.38
CA ILE B 128 13.59 -19.89 -8.25
C ILE B 128 12.40 -19.15 -8.82
N ASP B 129 11.21 -19.54 -8.39
CA ASP B 129 9.99 -18.98 -8.91
C ASP B 129 8.87 -19.10 -7.85
N HIS B 130 7.81 -18.31 -8.00
CA HIS B 130 6.67 -18.35 -7.07
C HIS B 130 5.40 -18.70 -7.83
N HIS B 131 5.57 -19.13 -9.08
CA HIS B 131 4.45 -19.65 -9.86
C HIS B 131 4.28 -21.15 -9.59
N ARG B 132 3.17 -21.71 -10.05
CA ARG B 132 2.92 -23.14 -9.94
C ARG B 132 3.37 -23.85 -11.22
N ARG B 133 3.83 -25.09 -11.08
CA ARG B 133 4.32 -25.86 -12.22
C ARG B 133 3.26 -26.10 -13.30
N GLY B 134 3.58 -25.67 -14.51
CA GLY B 134 2.82 -26.05 -15.68
C GLY B 134 3.45 -27.28 -16.30
N GLU B 135 2.97 -27.68 -17.47
CA GLU B 135 3.50 -28.88 -18.12
C GLU B 135 5.01 -28.77 -18.41
N SER B 136 5.40 -27.70 -19.11
CA SER B 136 6.82 -27.50 -19.45
C SER B 136 7.65 -27.07 -18.25
N PHE B 137 8.97 -27.14 -18.38
CA PHE B 137 9.85 -26.88 -17.26
C PHE B 137 11.35 -26.97 -17.63
N ILE B 138 12.12 -26.03 -17.09
CA ILE B 138 13.57 -26.04 -17.17
C ILE B 138 14.12 -27.47 -17.02
N SER B 139 14.90 -27.89 -18.01
CA SER B 139 15.43 -29.25 -18.04
C SER B 139 16.57 -29.46 -17.05
N ASN B 140 16.45 -30.52 -16.26
CA ASN B 140 17.46 -30.90 -15.28
C ASN B 140 18.18 -29.77 -14.54
N PRO B 141 17.44 -29.08 -13.66
CA PRO B 141 18.04 -28.07 -12.77
C PRO B 141 18.76 -28.74 -11.61
N LEU B 142 19.87 -28.16 -11.14
CA LEU B 142 20.58 -28.70 -9.99
C LEU B 142 19.89 -28.35 -8.67
N LEU B 143 19.02 -27.35 -8.71
CA LEU B 143 18.29 -26.91 -7.52
C LEU B 143 17.00 -26.27 -7.98
N ILE B 144 15.95 -26.49 -7.19
CA ILE B 144 14.63 -25.97 -7.51
C ILE B 144 14.01 -25.38 -6.27
N TYR B 145 13.83 -24.06 -6.27
CA TYR B 145 13.19 -23.37 -5.16
C TYR B 145 11.91 -22.73 -5.62
N MET B 146 10.85 -23.51 -5.71
CA MET B 146 9.57 -22.96 -6.09
C MET B 146 8.62 -22.94 -4.90
N GLU B 147 7.75 -21.94 -4.87
CA GLU B 147 6.86 -21.70 -3.73
C GLU B 147 5.64 -20.94 -4.21
N PRO B 148 4.63 -21.66 -4.70
CA PRO B 148 3.49 -21.05 -5.41
C PRO B 148 2.66 -20.07 -4.57
N TYR B 149 2.84 -20.08 -3.24
CA TYR B 149 2.07 -19.21 -2.36
C TYR B 149 2.80 -17.92 -2.00
N ALA B 150 4.06 -17.81 -2.40
CA ALA B 150 4.85 -16.62 -2.07
C ALA B 150 4.41 -15.47 -2.97
N SER B 151 4.83 -14.27 -2.63
CA SER B 151 4.34 -13.07 -3.31
C SER B 151 5.11 -12.74 -4.57
N SER B 152 6.33 -13.23 -4.64
CA SER B 152 7.24 -12.75 -5.64
C SER B 152 8.55 -13.49 -5.49
N THR B 153 9.33 -13.52 -6.57
CA THR B 153 10.64 -14.15 -6.50
C THR B 153 11.59 -13.32 -5.67
N ALA B 154 11.36 -12.01 -5.65
CA ALA B 154 12.05 -11.11 -4.74
C ALA B 154 11.86 -11.50 -3.26
N GLU B 155 10.67 -11.96 -2.88
CA GLU B 155 10.44 -12.38 -1.50
C GLU B 155 11.25 -13.60 -1.14
N LEU B 156 11.24 -14.60 -2.03
CA LEU B 156 12.02 -15.83 -1.89
C LEU B 156 13.51 -15.56 -1.87
N VAL B 157 14.00 -14.81 -2.84
CA VAL B 157 15.42 -14.53 -2.87
C VAL B 157 15.82 -13.81 -1.59
N THR B 158 15.01 -12.85 -1.16
CA THR B 158 15.24 -12.16 0.10
C THR B 158 15.49 -13.11 1.28
N GLU B 159 14.68 -14.17 1.41
CA GLU B 159 14.86 -15.11 2.50
C GLU B 159 16.22 -15.76 2.43
N LEU B 160 16.57 -16.25 1.25
CA LEU B 160 17.87 -16.89 1.02
C LEU B 160 19.03 -16.00 1.42
N LEU B 161 18.91 -14.70 1.15
CA LEU B 161 19.93 -13.73 1.54
C LEU B 161 20.22 -13.77 3.02
N GLU B 162 19.18 -13.89 3.85
CA GLU B 162 19.31 -13.76 5.29
C GLU B 162 20.34 -14.69 5.92
N TYR B 163 20.71 -15.76 5.22
CA TYR B 163 21.58 -16.77 5.81
C TYR B 163 23.04 -16.74 5.34
N GLN B 164 23.46 -15.65 4.71
CA GLN B 164 24.80 -15.54 4.18
C GLN B 164 25.65 -14.50 4.91
N PRO B 165 26.98 -14.58 4.76
CA PRO B 165 27.90 -13.58 5.30
C PRO B 165 27.43 -12.15 5.03
N THR B 166 27.65 -11.25 5.99
CA THR B 166 27.00 -9.96 5.97
C THR B 166 27.99 -8.80 5.89
N GLU B 167 29.23 -9.10 5.56
CA GLU B 167 30.25 -8.05 5.54
C GLU B 167 30.00 -7.05 4.43
N GLN B 168 29.77 -7.54 3.22
CA GLN B 168 29.36 -6.66 2.14
C GLN B 168 27.86 -6.87 1.86
N ARG B 169 27.07 -6.10 2.60
CA ARG B 169 25.62 -6.23 2.68
C ARG B 169 24.90 -5.82 1.39
N LEU B 170 23.66 -6.26 1.28
CA LEU B 170 22.72 -5.71 0.30
C LEU B 170 22.69 -4.19 0.40
N THR B 171 22.99 -3.50 -0.70
CA THR B 171 23.08 -2.03 -0.66
C THR B 171 21.71 -1.37 -0.60
N ARG B 172 21.71 -0.05 -0.43
CA ARG B 172 20.48 0.71 -0.38
C ARG B 172 19.75 0.58 -1.72
N LEU B 173 20.43 0.88 -2.81
CA LEU B 173 19.81 0.77 -4.13
C LEU B 173 19.35 -0.67 -4.48
N GLU B 174 20.10 -1.68 -4.08
CA GLU B 174 19.71 -3.06 -4.39
C GLU B 174 18.41 -3.43 -3.68
N SER B 175 18.32 -3.11 -2.40
CA SER B 175 17.13 -3.47 -1.63
C SER B 175 15.94 -2.67 -2.10
N THR B 176 16.19 -1.48 -2.65
CA THR B 176 15.09 -0.65 -3.17
C THR B 176 14.43 -1.31 -4.38
N VAL B 177 15.24 -1.84 -5.29
CA VAL B 177 14.70 -2.52 -6.46
C VAL B 177 13.98 -3.82 -6.07
N MET B 178 14.55 -4.57 -5.14
CA MET B 178 13.91 -5.78 -4.67
C MET B 178 12.55 -5.44 -4.02
N TYR B 179 12.54 -4.40 -3.22
CA TYR B 179 11.35 -3.90 -2.55
C TYR B 179 10.28 -3.49 -3.57
N ALA B 180 10.73 -2.86 -4.65
CA ALA B 180 9.84 -2.45 -5.74
C ALA B 180 9.18 -3.66 -6.43
N GLY B 181 9.95 -4.74 -6.61
CA GLY B 181 9.42 -5.99 -7.17
C GLY B 181 8.28 -6.57 -6.33
N ILE B 182 8.46 -6.54 -5.01
CA ILE B 182 7.41 -6.96 -4.09
C ILE B 182 6.17 -6.06 -4.20
N ILE B 183 6.40 -4.75 -4.35
CA ILE B 183 5.29 -3.82 -4.48
C ILE B 183 4.48 -4.00 -5.76
N VAL B 184 5.17 -4.25 -6.88
CA VAL B 184 4.46 -4.46 -8.14
C VAL B 184 3.67 -5.76 -8.11
N ASP B 185 4.33 -6.84 -7.69
CA ASP B 185 3.69 -8.15 -7.69
C ASP B 185 2.50 -8.26 -6.75
N THR B 186 2.54 -7.55 -5.63
CA THR B 186 1.47 -7.63 -4.63
C THR B 186 0.50 -6.47 -4.73
N ARG B 187 0.61 -5.66 -5.77
CA ARG B 187 -0.12 -4.39 -5.85
C ARG B 187 -0.10 -3.66 -4.50
N ASN B 188 1.10 -3.35 -4.03
CA ASN B 188 1.27 -2.64 -2.77
C ASN B 188 0.65 -3.37 -1.58
N PHE B 189 0.98 -4.66 -1.44
CA PHE B 189 0.55 -5.47 -0.32
C PHE B 189 -0.96 -5.67 -0.27
N THR B 190 -1.60 -5.74 -1.43
CA THR B 190 -3.04 -6.00 -1.47
C THR B 190 -3.37 -7.33 -2.14
N LEU B 191 -2.36 -7.98 -2.69
CA LEU B 191 -2.54 -9.28 -3.33
C LEU B 191 -1.48 -10.25 -2.88
N ARG B 192 -1.91 -11.44 -2.48
CA ARG B 192 -0.98 -12.54 -2.25
C ARG B 192 0.16 -12.17 -1.34
N THR B 193 -0.18 -11.43 -0.29
CA THR B 193 0.78 -10.96 0.68
C THR B 193 0.58 -11.79 1.96
N GLY B 194 1.67 -12.20 2.58
CA GLY B 194 1.63 -13.06 3.75
C GLY B 194 2.65 -12.58 4.75
N SER B 195 2.72 -13.21 5.92
CA SER B 195 3.60 -12.68 6.94
C SER B 195 5.02 -12.66 6.41
N ARG B 196 5.40 -13.71 5.72
CA ARG B 196 6.72 -13.80 5.09
C ARG B 196 7.01 -12.67 4.09
N THR B 197 5.99 -12.20 3.37
CA THR B 197 6.12 -11.01 2.52
C THR B 197 6.53 -9.79 3.34
N PHE B 198 5.88 -9.61 4.49
CA PHE B 198 6.22 -8.52 5.41
C PHE B 198 7.59 -8.71 6.05
N ASP B 199 7.99 -9.95 6.30
CA ASP B 199 9.35 -10.24 6.77
C ASP B 199 10.40 -9.85 5.74
N ALA B 200 10.17 -10.25 4.49
CA ALA B 200 11.04 -9.81 3.39
C ALA B 200 11.12 -8.28 3.36
N ALA B 201 9.95 -7.64 3.30
CA ALA B 201 9.85 -6.18 3.30
C ALA B 201 10.61 -5.54 4.45
N SER B 202 10.51 -6.16 5.63
CA SER B 202 11.22 -5.64 6.81
C SER B 202 12.73 -5.79 6.64
N TYR B 203 13.16 -6.95 6.18
CA TYR B 203 14.56 -7.14 5.89
C TYR B 203 15.04 -6.09 4.89
N LEU B 204 14.32 -5.95 3.78
CA LEU B 204 14.71 -4.99 2.76
C LEU B 204 14.75 -3.58 3.31
N ARG B 205 13.70 -3.20 4.04
CA ARG B 205 13.63 -1.86 4.61
C ARG B 205 14.75 -1.61 5.61
N ALA B 206 15.14 -2.66 6.33
CA ALA B 206 16.23 -2.53 7.28
C ALA B 206 17.55 -2.21 6.56
N HIS B 207 17.66 -2.60 5.28
CA HIS B 207 18.86 -2.28 4.49
C HIS B 207 18.74 -1.02 3.65
N GLY B 208 17.77 -0.18 3.95
CA GLY B 208 17.68 1.14 3.31
C GLY B 208 16.77 1.22 2.11
N ALA B 209 16.02 0.17 1.84
CA ALA B 209 15.03 0.19 0.76
C ALA B 209 14.20 1.47 0.86
N ASP B 210 14.29 2.28 -0.20
CA ASP B 210 13.73 3.63 -0.20
C ASP B 210 12.33 3.64 -0.80
N THR B 211 11.35 4.01 0.01
CA THR B 211 9.96 4.05 -0.42
C THR B 211 9.67 5.19 -1.40
N ILE B 212 10.32 6.33 -1.23
CA ILE B 212 10.10 7.43 -2.17
C ILE B 212 10.62 7.08 -3.58
N LEU B 213 11.82 6.52 -3.65
CA LEU B 213 12.38 6.13 -4.94
C LEU B 213 11.47 5.09 -5.61
N THR B 214 10.92 4.18 -4.83
CA THR B 214 10.01 3.18 -5.36
C THR B 214 8.74 3.83 -5.87
N GLN B 215 8.23 4.80 -5.13
CA GLN B 215 7.11 5.60 -5.64
C GLN B 215 7.51 6.22 -7.01
N HIS B 216 8.74 6.72 -7.10
CA HIS B 216 9.23 7.30 -8.37
C HIS B 216 9.15 6.28 -9.51
N PHE B 217 9.64 5.06 -9.30
CA PHE B 217 9.67 4.04 -10.36
C PHE B 217 8.28 3.73 -10.92
N LEU B 218 7.27 3.98 -10.10
CA LEU B 218 5.92 3.51 -10.37
C LEU B 218 4.89 4.63 -10.59
N LYS B 219 5.35 5.87 -10.62
CA LYS B 219 4.48 6.99 -10.94
C LYS B 219 3.65 6.68 -12.19
N ASP B 220 2.39 7.06 -12.14
CA ASP B 220 1.46 6.93 -13.25
C ASP B 220 1.61 8.12 -14.19
N ASP B 221 1.19 7.95 -15.44
CA ASP B 221 1.23 9.04 -16.40
C ASP B 221 0.07 9.99 -16.14
N VAL B 222 0.39 11.27 -16.05
CA VAL B 222 -0.62 12.30 -15.88
C VAL B 222 -1.75 12.12 -16.89
N ASP B 223 -1.42 12.14 -18.17
CA ASP B 223 -2.43 12.04 -19.21
C ASP B 223 -3.31 10.82 -19.06
N THR B 224 -2.71 9.68 -18.74
CA THR B 224 -3.48 8.45 -18.64
C THR B 224 -4.34 8.45 -17.37
N TYR B 225 -3.92 9.19 -16.35
CA TYR B 225 -4.79 9.37 -15.20
C TYR B 225 -6.06 10.10 -15.62
N ILE B 226 -5.90 11.25 -16.24
CA ILE B 226 -7.02 12.04 -16.74
C ILE B 226 -7.97 11.25 -17.64
N ASN B 227 -7.42 10.43 -18.54
CA ASN B 227 -8.24 9.60 -19.41
C ASN B 227 -9.09 8.61 -18.65
N ARG B 228 -8.44 7.75 -17.89
CA ARG B 228 -9.15 6.80 -17.05
C ARG B 228 -10.16 7.57 -16.20
N SER B 229 -9.80 8.80 -15.88
CA SER B 229 -10.62 9.65 -15.02
C SER B 229 -11.99 9.97 -15.63
N GLU B 230 -12.02 10.21 -16.94
CA GLU B 230 -13.27 10.57 -17.63
C GLU B 230 -14.13 9.36 -18.03
N LEU B 231 -13.66 8.15 -17.75
CA LEU B 231 -14.52 6.97 -17.84
C LEU B 231 -15.20 6.82 -16.50
N ILE B 232 -14.39 6.89 -15.44
CA ILE B 232 -14.86 6.81 -14.06
C ILE B 232 -15.77 7.98 -13.71
N ARG B 233 -15.53 9.13 -14.32
CA ARG B 233 -16.32 10.33 -14.03
C ARG B 233 -17.79 10.15 -14.42
N THR B 234 -18.05 9.15 -15.25
CA THR B 234 -19.34 9.00 -15.90
C THR B 234 -20.28 8.01 -15.21
N VAL B 235 -19.79 7.34 -14.18
CA VAL B 235 -20.46 6.17 -13.63
C VAL B 235 -21.83 6.43 -12.98
N LYS B 236 -22.72 5.44 -13.09
CA LYS B 236 -23.99 5.45 -12.38
C LYS B 236 -24.17 4.12 -11.64
N VAL B 237 -24.24 4.21 -10.31
CA VAL B 237 -24.27 3.01 -9.47
C VAL B 237 -25.68 2.69 -8.95
N GLU B 238 -26.22 1.57 -9.39
CA GLU B 238 -27.52 1.13 -8.89
C GLU B 238 -27.44 0.70 -7.43
N ASP B 239 -28.61 0.62 -6.79
CA ASP B 239 -28.69 0.30 -5.37
C ASP B 239 -28.12 -1.07 -5.03
N ASN B 240 -28.17 -1.99 -5.99
CA ASN B 240 -27.61 -3.32 -5.78
C ASN B 240 -26.09 -3.37 -5.96
N GLY B 241 -25.48 -2.22 -6.21
CA GLY B 241 -24.04 -2.12 -6.26
C GLY B 241 -23.42 -2.37 -7.62
N ILE B 242 -24.25 -2.48 -8.66
CA ILE B 242 -23.79 -2.61 -10.04
C ILE B 242 -23.57 -1.23 -10.58
N ALA B 243 -22.36 -0.98 -11.12
CA ALA B 243 -21.99 0.34 -11.64
C ALA B 243 -21.73 0.26 -13.13
N ILE B 244 -22.08 1.31 -13.85
CA ILE B 244 -21.84 1.34 -15.29
C ILE B 244 -21.25 2.67 -15.72
N ALA B 245 -20.06 2.58 -16.33
CA ALA B 245 -19.34 3.75 -16.83
C ALA B 245 -19.10 3.59 -18.32
N HIS B 246 -19.04 4.72 -19.02
CA HIS B 246 -18.87 4.71 -20.46
C HIS B 246 -17.97 5.86 -20.91
N GLY B 247 -17.24 5.62 -22.00
CA GLY B 247 -16.55 6.68 -22.70
C GLY B 247 -17.51 7.14 -23.79
N SER B 248 -17.32 8.35 -24.30
CA SER B 248 -18.13 8.83 -25.42
C SER B 248 -17.87 7.93 -26.64
N ASP B 249 -18.86 7.80 -27.53
CA ASP B 249 -18.69 6.92 -28.69
C ASP B 249 -17.76 7.52 -29.75
N ASP B 250 -17.75 8.86 -29.83
CA ASP B 250 -16.87 9.56 -30.75
C ASP B 250 -15.40 9.49 -30.32
N LYS B 251 -15.17 9.33 -29.02
CA LYS B 251 -13.80 9.12 -28.53
C LYS B 251 -13.45 7.63 -28.50
N ILE B 252 -12.16 7.33 -28.42
CA ILE B 252 -11.70 5.95 -28.48
C ILE B 252 -10.67 5.75 -27.37
N TYR B 253 -10.73 4.61 -26.70
CA TYR B 253 -9.90 4.41 -25.52
C TYR B 253 -8.99 3.20 -25.65
N HIS B 254 -7.83 3.30 -25.05
CA HIS B 254 -6.93 2.17 -24.94
C HIS B 254 -7.60 1.07 -24.11
N PRO B 255 -7.43 -0.19 -24.53
CA PRO B 255 -7.94 -1.33 -23.76
C PRO B 255 -7.44 -1.35 -22.32
N VAL B 256 -6.31 -0.70 -22.06
CA VAL B 256 -5.72 -0.72 -20.72
C VAL B 256 -6.31 0.39 -19.87
N THR B 257 -6.56 1.55 -20.49
CA THR B 257 -7.29 2.61 -19.81
C THR B 257 -8.64 2.07 -19.33
N VAL B 258 -9.36 1.39 -20.23
CA VAL B 258 -10.66 0.81 -19.90
C VAL B 258 -10.54 -0.21 -18.78
N ALA B 259 -9.65 -1.18 -18.93
CA ALA B 259 -9.48 -2.20 -17.90
C ALA B 259 -9.13 -1.57 -16.55
N GLN B 260 -8.36 -0.50 -16.58
CA GLN B 260 -7.98 0.21 -15.36
C GLN B 260 -9.16 0.93 -14.70
N ALA B 261 -9.97 1.63 -15.50
CA ALA B 261 -11.18 2.26 -15.01
C ALA B 261 -12.10 1.23 -14.32
N ALA B 262 -12.42 0.15 -15.02
CA ALA B 262 -13.25 -0.90 -14.43
C ALA B 262 -12.64 -1.36 -13.11
N ASP B 263 -11.33 -1.54 -13.12
CA ASP B 263 -10.61 -1.93 -11.91
C ASP B 263 -10.76 -0.88 -10.80
N GLU B 264 -10.66 0.39 -11.18
CA GLU B 264 -10.54 1.45 -10.19
C GLU B 264 -11.91 1.81 -9.63
N LEU B 265 -12.95 1.27 -10.27
CA LEU B 265 -14.31 1.47 -9.81
C LEU B 265 -14.60 0.56 -8.62
N LEU B 266 -13.95 -0.60 -8.60
CA LEU B 266 -14.10 -1.53 -7.50
C LEU B 266 -13.53 -0.94 -6.23
N SER B 267 -12.61 0.02 -6.39
CA SER B 267 -11.96 0.61 -5.22
C SER B 267 -12.85 1.66 -4.59
N LEU B 268 -13.96 1.98 -5.24
CA LEU B 268 -14.89 2.96 -4.72
C LEU B 268 -15.96 2.33 -3.87
N GLU B 269 -16.50 3.12 -2.94
CA GLU B 269 -17.49 2.66 -1.98
C GLU B 269 -18.80 2.23 -2.62
N GLY B 270 -19.34 1.11 -2.15
CA GLY B 270 -20.67 0.68 -2.52
C GLY B 270 -20.79 0.11 -3.92
N ILE B 271 -19.69 -0.41 -4.46
CA ILE B 271 -19.67 -0.96 -5.81
C ILE B 271 -19.26 -2.43 -5.86
N GLU B 272 -20.21 -3.28 -6.19
CA GLU B 272 -19.98 -4.73 -6.24
C GLU B 272 -19.46 -5.17 -7.60
N ALA B 273 -19.90 -4.51 -8.66
CA ALA B 273 -19.42 -4.83 -9.99
C ALA B 273 -19.40 -3.62 -10.91
N SER B 274 -18.39 -3.59 -11.77
CA SER B 274 -18.17 -2.48 -12.68
C SER B 274 -18.29 -2.94 -14.12
N TYR B 275 -18.86 -2.07 -14.96
CA TYR B 275 -18.95 -2.32 -16.39
C TYR B 275 -18.59 -1.04 -17.11
N VAL B 276 -17.40 -0.99 -17.69
CA VAL B 276 -16.98 0.16 -18.48
C VAL B 276 -17.19 -0.14 -19.96
N VAL B 277 -17.73 0.84 -20.68
CA VAL B 277 -18.06 0.67 -22.09
C VAL B 277 -17.57 1.87 -22.90
N ALA B 278 -16.70 1.63 -23.88
CA ALA B 278 -16.13 2.70 -24.71
C ALA B 278 -15.71 2.26 -26.12
N ARG B 279 -15.72 3.20 -27.04
CA ARG B 279 -15.31 2.96 -28.41
C ARG B 279 -13.91 2.35 -28.47
N ARG B 280 -13.82 1.10 -28.90
CA ARG B 280 -12.55 0.38 -28.89
C ARG B 280 -11.81 0.48 -30.23
N GLU B 281 -12.56 0.65 -31.31
CA GLU B 281 -11.97 0.88 -32.63
C GLU B 281 -12.72 2.01 -33.34
N ASP B 282 -13.21 1.70 -34.54
CA ASP B 282 -14.07 2.62 -35.28
C ASP B 282 -15.40 1.91 -35.50
N ASN B 283 -15.29 0.59 -35.57
CA ASN B 283 -16.42 -0.30 -35.82
C ASN B 283 -16.88 -0.96 -34.53
N LEU B 284 -15.95 -1.07 -33.58
CA LEU B 284 -16.12 -1.93 -32.41
C LEU B 284 -16.33 -1.15 -31.10
N ILE B 285 -16.99 -1.80 -30.15
CA ILE B 285 -17.16 -1.26 -28.80
C ILE B 285 -16.64 -2.28 -27.79
N GLY B 286 -16.16 -1.79 -26.65
CA GLY B 286 -15.59 -2.67 -25.64
C GLY B 286 -16.24 -2.59 -24.26
N ILE B 287 -16.36 -3.75 -23.63
CA ILE B 287 -16.93 -3.85 -22.29
C ILE B 287 -15.95 -4.57 -21.37
N SER B 288 -15.51 -3.87 -20.33
CA SER B 288 -14.73 -4.49 -19.27
C SER B 288 -15.58 -4.64 -18.01
N ALA B 289 -15.51 -5.81 -17.39
CA ALA B 289 -16.34 -6.11 -16.25
C ALA B 289 -15.52 -6.69 -15.12
N ARG B 290 -15.81 -6.26 -13.89
CA ARG B 290 -15.08 -6.69 -12.70
C ARG B 290 -16.04 -6.77 -11.53
N SER B 291 -15.73 -7.63 -10.57
CA SER B 291 -16.54 -7.74 -9.37
C SER B 291 -15.72 -8.16 -8.15
N LEU B 292 -16.07 -7.63 -6.99
CA LEU B 292 -15.42 -7.97 -5.73
C LEU B 292 -15.27 -9.47 -5.57
N GLY B 293 -16.23 -10.20 -6.09
CA GLY B 293 -16.23 -11.65 -5.99
C GLY B 293 -17.65 -12.17 -5.89
N SER B 294 -18.57 -11.23 -5.68
CA SER B 294 -19.97 -11.57 -5.54
C SER B 294 -20.62 -11.70 -6.92
N VAL B 295 -21.10 -10.59 -7.45
CA VAL B 295 -21.76 -10.56 -8.76
C VAL B 295 -21.00 -11.40 -9.77
N ASN B 296 -21.71 -11.95 -10.75
CA ASN B 296 -21.11 -12.85 -11.73
C ASN B 296 -20.88 -12.21 -13.10
N VAL B 297 -19.80 -11.45 -13.21
CA VAL B 297 -19.50 -10.71 -14.43
C VAL B 297 -19.23 -11.65 -15.60
N GLN B 298 -18.90 -12.89 -15.29
CA GLN B 298 -18.70 -13.89 -16.35
C GLN B 298 -20.00 -14.12 -17.10
N LEU B 299 -21.01 -14.59 -16.37
CA LEU B 299 -22.34 -14.83 -16.93
C LEU B 299 -22.86 -13.66 -17.74
N THR B 300 -22.64 -12.44 -17.25
CA THR B 300 -23.12 -11.24 -17.93
C THR B 300 -22.48 -11.15 -19.30
N MET B 301 -21.19 -11.44 -19.35
CA MET B 301 -20.39 -11.22 -20.54
C MET B 301 -20.51 -12.39 -21.52
N GLU B 302 -20.40 -13.61 -21.01
CA GLU B 302 -20.67 -14.80 -21.82
C GLU B 302 -21.94 -14.58 -22.63
N ALA B 303 -22.96 -14.03 -21.97
CA ALA B 303 -24.24 -13.73 -22.60
C ALA B 303 -24.20 -12.45 -23.45
N LEU B 304 -23.01 -12.11 -23.94
CA LEU B 304 -22.86 -11.02 -24.90
C LEU B 304 -21.74 -11.35 -25.90
N GLY B 305 -21.48 -12.65 -26.04
CA GLY B 305 -20.46 -13.12 -26.97
C GLY B 305 -19.08 -12.83 -26.43
N GLY B 306 -18.97 -12.72 -25.11
CA GLY B 306 -17.69 -12.52 -24.46
C GLY B 306 -17.43 -13.62 -23.45
N GLY B 307 -16.77 -13.28 -22.36
CA GLY B 307 -16.51 -14.23 -21.30
C GLY B 307 -15.25 -13.91 -20.53
N GLY B 308 -14.98 -14.70 -19.50
CA GLY B 308 -13.76 -14.56 -18.72
C GLY B 308 -13.84 -15.36 -17.44
N HIS B 309 -13.89 -14.65 -16.32
CA HIS B 309 -13.94 -15.29 -15.03
C HIS B 309 -14.91 -14.54 -14.15
N LEU B 310 -15.33 -15.17 -13.05
CA LEU B 310 -16.34 -14.62 -12.16
C LEU B 310 -16.11 -13.15 -11.84
N THR B 311 -14.85 -12.79 -11.62
CA THR B 311 -14.46 -11.44 -11.25
C THR B 311 -13.95 -10.65 -12.43
N ASN B 312 -13.34 -11.32 -13.40
CA ASN B 312 -12.65 -10.65 -14.48
C ASN B 312 -13.02 -11.20 -15.86
N ALA B 313 -13.99 -10.57 -16.50
CA ALA B 313 -14.40 -10.98 -17.85
C ALA B 313 -14.63 -9.74 -18.70
N ALA B 314 -14.91 -9.94 -19.98
CA ALA B 314 -15.12 -8.82 -20.90
C ALA B 314 -15.69 -9.25 -22.24
N THR B 315 -16.05 -8.25 -23.06
CA THR B 315 -16.53 -8.50 -24.42
C THR B 315 -16.32 -7.30 -25.37
N GLN B 316 -16.34 -7.60 -26.66
CA GLN B 316 -16.36 -6.58 -27.70
C GLN B 316 -17.60 -6.79 -28.57
N LEU B 317 -18.15 -5.70 -29.09
CA LEU B 317 -19.32 -5.79 -29.96
C LEU B 317 -19.12 -4.94 -31.21
N LYS B 318 -18.96 -5.59 -32.36
CA LYS B 318 -18.75 -4.85 -33.62
C LYS B 318 -20.04 -4.46 -34.34
N GLY B 319 -20.15 -3.18 -34.69
CA GLY B 319 -21.32 -2.65 -35.37
C GLY B 319 -22.10 -1.67 -34.51
N VAL B 320 -22.51 -2.13 -33.34
CA VAL B 320 -23.27 -1.30 -32.41
C VAL B 320 -22.52 -0.03 -32.01
N THR B 321 -23.25 0.94 -31.47
CA THR B 321 -22.65 2.13 -30.90
C THR B 321 -22.90 2.08 -29.39
N VAL B 322 -22.01 2.69 -28.61
CA VAL B 322 -22.05 2.58 -27.16
C VAL B 322 -23.47 2.56 -26.55
N GLU B 323 -24.26 3.60 -26.81
CA GLU B 323 -25.57 3.72 -26.17
C GLU B 323 -26.41 2.45 -26.33
N GLU B 324 -26.16 1.72 -27.41
CA GLU B 324 -26.88 0.48 -27.65
C GLU B 324 -26.16 -0.69 -27.00
N ALA B 325 -24.82 -0.60 -26.95
CA ALA B 325 -24.01 -1.58 -26.24
C ALA B 325 -24.33 -1.51 -24.74
N ILE B 326 -24.51 -0.29 -24.23
CA ILE B 326 -24.96 -0.08 -22.86
C ILE B 326 -26.30 -0.78 -22.66
N ALA B 327 -27.19 -0.59 -23.64
CA ALA B 327 -28.52 -1.18 -23.60
C ALA B 327 -28.47 -2.69 -23.58
N GLN B 328 -27.65 -3.29 -24.42
CA GLN B 328 -27.55 -4.75 -24.41
C GLN B 328 -27.02 -5.23 -23.06
N LEU B 329 -26.24 -4.37 -22.40
CA LEU B 329 -25.69 -4.71 -21.10
C LEU B 329 -26.78 -4.68 -20.03
N GLN B 330 -27.49 -3.57 -19.94
CA GLN B 330 -28.63 -3.44 -19.04
C GLN B 330 -29.57 -4.63 -19.15
N GLN B 331 -29.92 -5.00 -20.38
CA GLN B 331 -30.85 -6.08 -20.62
C GLN B 331 -30.32 -7.41 -20.11
N ALA B 332 -29.04 -7.66 -20.34
CA ALA B 332 -28.42 -8.93 -19.95
C ALA B 332 -28.25 -8.98 -18.44
N ILE B 333 -28.00 -7.81 -17.87
CA ILE B 333 -27.91 -7.68 -16.43
C ILE B 333 -29.30 -7.86 -15.82
N THR B 334 -30.26 -7.10 -16.32
CA THR B 334 -31.63 -7.20 -15.84
C THR B 334 -32.05 -8.65 -15.87
N GLU B 335 -31.46 -9.41 -16.79
CA GLU B 335 -31.87 -10.80 -17.00
C GLU B 335 -31.38 -11.78 -15.93
N GLN B 336 -30.07 -11.87 -15.74
CA GLN B 336 -29.51 -12.77 -14.73
C GLN B 336 -29.84 -12.25 -13.34
N LEU B 337 -30.17 -10.96 -13.25
CA LEU B 337 -30.49 -10.33 -11.98
C LEU B 337 -31.86 -10.75 -11.47
N SER B 338 -32.87 -10.64 -12.33
CA SER B 338 -34.18 -11.19 -12.02
C SER B 338 -34.14 -12.69 -12.30
N ARG B 339 -33.32 -13.39 -11.53
CA ARG B 339 -33.20 -14.85 -11.60
C ARG B 339 -33.12 -15.35 -13.03
#